data_1S3B
#
_entry.id   1S3B
#
_cell.length_a   130.756
_cell.length_b   222.906
_cell.length_c   86.169
_cell.angle_alpha   90.00
_cell.angle_beta   90.00
_cell.angle_gamma   90.00
#
_symmetry.space_group_name_H-M   'C 2 2 2'
#
loop_
_entity.id
_entity.type
_entity.pdbx_description
1 polymer 'Amine oxidase [flavin-containing] B'
2 non-polymer 'FLAVIN-ADENINE DINUCLEOTIDE'
3 non-polymer N-[(1S)-2,3-DIHYDRO-1H-INDEN-1-YL]-N-METHYL-N-PROP-2-YNYLAMINE
4 water water
#
_entity_poly.entity_id   1
_entity_poly.type   'polypeptide(L)'
_entity_poly.pdbx_seq_one_letter_code
;MSNKCDVVVVGGGISGMAAAKLLHDSGLNVVVLEARDRVGGRTYTLRNQKVKYVDLGGSYVGPTQNRILRLAKELGLETY
KVNEVERLIHHVKGKSYPFRGPFPPVWNPITYLDHNNFWRTMDDMGREIPSDAPWKAPLAEEWDNMTMKELLDKLCWTES
AKQLATLFVNLCVTAETHEVSALWFLWYVKQCGGTTRIISTTNGGQERKFVGGSGQVSERIMDLLGDRVKLERPVIYIDQ
TRENVLVETLNHEMYEAKYVISAIPPTLGMKIHFNPPLPMMRNQMITRVPLGSVIKCIVYYKEPFWRKKDYCGTMIIDGE
EAPVAYTLDDTKPEGNYAAIMGFILAHKARKLARLTKEERLKKLCELYAKVLGSLEALEPVHYEEKNWCEEQYSGGCYTT
YFPPGILTQYGRVLRQPVDRIYFAGTETATHWSGYMEGAVEAGERAAREILHAMGKIPEDEIWQSEPESVDVPAQPITTT
FLERHLPSVPGLLRLIGLTTIFSATALGFLAHKRGLLVRV
;
_entity_poly.pdbx_strand_id   A,B
#
loop_
_chem_comp.id
_chem_comp.type
_chem_comp.name
_chem_comp.formula
FAD non-polymer 'FLAVIN-ADENINE DINUCLEOTIDE' 'C27 H33 N9 O15 P2'
RMA non-polymer N-[(1S)-2,3-DIHYDRO-1H-INDEN-1-YL]-N-METHYL-N-PROP-2-YNYLAMINE 'C13 H15 N'
#
# COMPACT_ATOMS: atom_id res chain seq x y z
N ASN A 3 27.87 1.86 21.43
CA ASN A 3 27.38 3.20 21.84
C ASN A 3 27.65 4.30 20.79
N LYS A 4 28.87 4.84 20.76
CA LYS A 4 29.18 5.98 19.89
C LYS A 4 29.97 5.61 18.64
N CYS A 5 29.51 6.12 17.49
CA CYS A 5 30.17 5.89 16.21
C CYS A 5 29.93 7.06 15.25
N ASP A 6 30.46 6.95 14.03
CA ASP A 6 30.23 7.96 13.00
C ASP A 6 28.88 7.75 12.29
N VAL A 7 28.64 6.51 11.87
CA VAL A 7 27.42 6.18 11.12
C VAL A 7 26.80 4.89 11.65
N VAL A 8 25.50 4.93 11.93
CA VAL A 8 24.73 3.73 12.20
C VAL A 8 24.07 3.35 10.88
N VAL A 9 24.26 2.10 10.47
CA VAL A 9 23.56 1.55 9.32
C VAL A 9 22.48 0.64 9.84
N VAL A 10 21.24 0.91 9.48
CA VAL A 10 20.11 0.08 9.90
C VAL A 10 19.83 -0.93 8.80
N GLY A 11 20.10 -2.21 9.10
CA GLY A 11 19.89 -3.28 8.15
C GLY A 11 21.19 -3.85 7.62
N GLY A 12 21.32 -5.17 7.76
CA GLY A 12 22.51 -5.89 7.33
C GLY A 12 22.27 -6.81 6.15
N GLY A 13 21.42 -6.36 5.22
CA GLY A 13 21.32 -6.99 3.91
C GLY A 13 22.48 -6.51 3.06
N ILE A 14 22.47 -6.87 1.77
CA ILE A 14 23.54 -6.46 0.88
C ILE A 14 23.74 -4.94 0.83
N SER A 15 22.64 -4.18 0.81
CA SER A 15 22.75 -2.73 0.72
C SER A 15 23.43 -2.12 1.95
N GLY A 16 22.98 -2.52 3.14
CA GLY A 16 23.56 -2.04 4.38
C GLY A 16 25.00 -2.45 4.54
N MET A 17 25.30 -3.69 4.16
CA MET A 17 26.66 -4.21 4.24
C MET A 17 27.58 -3.50 3.27
N ALA A 18 27.11 -3.25 2.04
CA ALA A 18 27.90 -2.52 1.06
C ALA A 18 28.17 -1.09 1.53
N ALA A 19 27.17 -0.45 2.13
CA ALA A 19 27.33 0.90 2.67
C ALA A 19 28.35 0.90 3.82
N ALA A 20 28.19 -0.06 4.74
CA ALA A 20 29.08 -0.13 5.91
C ALA A 20 30.52 -0.41 5.47
N LYS A 21 30.69 -1.29 4.49
CA LYS A 21 32.02 -1.60 3.98
C LYS A 21 32.71 -0.36 3.41
N LEU A 22 31.99 0.39 2.58
CA LEU A 22 32.54 1.60 1.96
C LEU A 22 32.95 2.61 3.02
N LEU A 23 32.08 2.82 4.01
CA LEU A 23 32.35 3.78 5.08
C LEU A 23 33.52 3.31 5.96
N HIS A 24 33.54 2.01 6.26
CA HIS A 24 34.64 1.40 7.02
C HIS A 24 35.96 1.57 6.27
N ASP A 25 35.95 1.30 4.98
CA ASP A 25 37.14 1.43 4.13
C ASP A 25 37.62 2.87 4.00
N SER A 26 36.69 3.82 4.19
CA SER A 26 37.01 5.24 4.15
C SER A 26 37.55 5.78 5.48
N GLY A 27 37.55 4.94 6.52
CA GLY A 27 38.13 5.30 7.80
C GLY A 27 37.15 5.72 8.86
N LEU A 28 35.86 5.59 8.58
CA LEU A 28 34.82 5.95 9.53
C LEU A 28 34.48 4.79 10.44
N ASN A 29 34.04 5.12 11.66
CA ASN A 29 33.56 4.13 12.61
C ASN A 29 32.09 3.85 12.33
N VAL A 30 31.80 2.63 11.92
CA VAL A 30 30.44 2.25 11.57
C VAL A 30 29.92 1.13 12.44
N VAL A 31 28.61 1.13 12.65
CA VAL A 31 27.93 0.03 13.33
C VAL A 31 26.77 -0.36 12.43
N VAL A 32 26.55 -1.66 12.28
CA VAL A 32 25.40 -2.18 11.55
C VAL A 32 24.45 -2.81 12.55
N LEU A 33 23.20 -2.31 12.57
CA LEU A 33 22.20 -2.86 13.46
C LEU A 33 21.25 -3.72 12.63
N GLU A 34 21.27 -5.02 12.89
CA GLU A 34 20.49 -5.98 12.11
C GLU A 34 19.45 -6.64 12.99
N ALA A 35 18.19 -6.62 12.55
CA ALA A 35 17.08 -7.19 13.30
C ALA A 35 17.18 -8.69 13.54
N ARG A 36 17.66 -9.43 12.54
CA ARG A 36 17.67 -10.88 12.59
C ARG A 36 18.92 -11.43 13.26
N ASP A 37 18.92 -12.73 13.52
CA ASP A 37 20.10 -13.42 14.02
C ASP A 37 21.11 -13.77 12.92
N ARG A 38 20.95 -13.15 11.76
CA ARG A 38 21.79 -13.39 10.59
C ARG A 38 21.84 -12.12 9.74
N VAL A 39 22.87 -12.01 8.93
CA VAL A 39 22.91 -11.00 7.88
C VAL A 39 22.39 -11.58 6.56
N GLY A 40 22.19 -10.73 5.56
CA GLY A 40 21.81 -11.19 4.24
C GLY A 40 20.43 -10.75 3.80
N GLY A 41 19.52 -10.60 4.76
CA GLY A 41 18.18 -10.12 4.48
C GLY A 41 17.41 -10.97 3.50
N ARG A 42 17.14 -10.39 2.33
CA ARG A 42 16.39 -11.08 1.27
C ARG A 42 17.27 -12.07 0.48
N THR A 43 18.56 -12.12 0.81
CA THR A 43 19.39 -13.27 0.45
C THR A 43 19.57 -14.16 1.66
N TYR A 44 19.50 -15.46 1.43
CA TYR A 44 19.66 -16.47 2.47
C TYR A 44 20.13 -17.75 1.81
N THR A 45 21.32 -18.20 2.19
CA THR A 45 21.86 -19.46 1.71
C THR A 45 21.77 -20.47 2.82
N LEU A 46 20.94 -21.49 2.60
CA LEU A 46 20.84 -22.62 3.52
C LEU A 46 21.93 -23.65 3.22
N ARG A 47 22.57 -24.16 4.26
CA ARG A 47 23.53 -25.26 4.11
C ARG A 47 23.09 -26.46 4.91
N ASN A 48 23.03 -27.61 4.24
CA ASN A 48 22.88 -28.89 4.90
C ASN A 48 23.45 -29.99 4.01
N GLN A 49 23.46 -31.20 4.53
CA GLN A 49 24.07 -32.34 3.86
C GLN A 49 23.38 -32.71 2.55
N LYS A 50 22.07 -32.54 2.52
CA LYS A 50 21.27 -32.98 1.37
C LYS A 50 21.41 -32.07 0.15
N VAL A 51 21.65 -30.78 0.40
CA VAL A 51 21.71 -29.79 -0.68
C VAL A 51 23.11 -29.19 -0.89
N LYS A 52 24.00 -29.42 0.08
CA LYS A 52 25.27 -28.70 0.20
C LYS A 52 25.01 -27.23 0.54
N TYR A 53 24.59 -26.45 -0.46
CA TYR A 53 24.11 -25.08 -0.24
C TYR A 53 22.97 -24.82 -1.21
N VAL A 54 22.05 -23.93 -0.83
CA VAL A 54 20.99 -23.51 -1.73
C VAL A 54 20.54 -22.11 -1.38
N ASP A 55 20.42 -21.26 -2.40
CA ASP A 55 19.88 -19.93 -2.23
C ASP A 55 18.37 -20.01 -2.13
N LEU A 56 17.84 -19.54 -1.01
CA LEU A 56 16.39 -19.51 -0.80
C LEU A 56 15.81 -18.12 -1.07
N GLY A 57 16.70 -17.13 -1.21
CA GLY A 57 16.31 -15.78 -1.59
C GLY A 57 16.97 -15.37 -2.90
N GLY A 58 17.43 -14.13 -2.98
CA GLY A 58 18.12 -13.63 -4.16
C GLY A 58 19.29 -14.53 -4.55
N SER A 59 19.43 -14.78 -5.86
CA SER A 59 20.40 -15.79 -6.31
C SER A 59 21.07 -15.43 -7.64
N TYR A 60 20.28 -15.01 -8.61
CA TYR A 60 20.77 -14.82 -9.97
C TYR A 60 21.46 -13.50 -10.15
N VAL A 61 22.59 -13.55 -10.86
CA VAL A 61 23.25 -12.34 -11.33
C VAL A 61 23.57 -12.50 -12.82
N GLY A 62 23.82 -11.38 -13.50
CA GLY A 62 24.08 -11.47 -14.92
C GLY A 62 24.77 -10.26 -15.48
N PRO A 63 25.05 -10.29 -16.78
CA PRO A 63 25.70 -9.16 -17.45
C PRO A 63 24.98 -7.83 -17.22
N THR A 64 25.80 -6.77 -17.11
CA THR A 64 25.40 -5.39 -16.73
C THR A 64 25.19 -5.16 -15.22
N GLN A 65 25.22 -6.22 -14.42
CA GLN A 65 25.15 -6.06 -12.97
C GLN A 65 26.55 -5.98 -12.40
N ASN A 66 27.26 -4.93 -12.77
CA ASN A 66 28.70 -4.87 -12.53
C ASN A 66 29.11 -4.59 -11.09
N ARG A 67 28.24 -3.94 -10.32
CA ARG A 67 28.53 -3.62 -8.93
C ARG A 67 28.54 -4.85 -8.02
N ILE A 68 27.50 -5.67 -8.11
CA ILE A 68 27.44 -6.91 -7.31
C ILE A 68 28.56 -7.86 -7.74
N LEU A 69 28.85 -7.89 -9.04
CA LEU A 69 29.91 -8.75 -9.54
C LEU A 69 31.27 -8.31 -9.00
N ARG A 70 31.49 -7.00 -8.96
CA ARG A 70 32.75 -6.44 -8.45
C ARG A 70 32.88 -6.63 -6.94
N LEU A 71 31.80 -6.37 -6.21
CA LEU A 71 31.81 -6.58 -4.77
C LEU A 71 32.06 -8.04 -4.42
N ALA A 72 31.35 -8.95 -5.08
CA ALA A 72 31.50 -10.38 -4.82
C ALA A 72 32.91 -10.85 -5.17
N LYS A 73 33.46 -10.36 -6.28
CA LYS A 73 34.82 -10.71 -6.68
C LYS A 73 35.85 -10.29 -5.62
N GLU A 74 35.71 -9.06 -5.12
CA GLU A 74 36.60 -8.54 -4.08
C GLU A 74 36.53 -9.38 -2.80
N LEU A 75 35.36 -9.95 -2.52
CA LEU A 75 35.17 -10.81 -1.36
C LEU A 75 35.65 -12.24 -1.58
N GLY A 76 36.13 -12.53 -2.80
CA GLY A 76 36.67 -13.84 -3.13
C GLY A 76 35.67 -14.84 -3.66
N LEU A 77 34.53 -14.36 -4.14
CA LEU A 77 33.48 -15.22 -4.67
C LEU A 77 33.60 -15.38 -6.19
N GLU A 78 33.06 -16.48 -6.70
CA GLU A 78 33.07 -16.77 -8.12
C GLU A 78 31.65 -17.08 -8.56
N THR A 79 31.37 -16.92 -9.85
CA THR A 79 30.08 -17.30 -10.42
C THR A 79 30.18 -18.57 -11.25
N TYR A 80 29.03 -19.15 -11.53
CA TYR A 80 28.93 -20.21 -12.53
C TYR A 80 27.68 -19.97 -13.36
N LYS A 81 27.64 -20.55 -14.56
CA LYS A 81 26.52 -20.33 -15.46
C LYS A 81 25.38 -21.29 -15.18
N VAL A 82 24.17 -20.72 -15.09
CA VAL A 82 22.93 -21.49 -15.00
C VAL A 82 22.79 -22.30 -16.29
N ASN A 83 22.33 -23.54 -16.16
CA ASN A 83 22.21 -24.42 -17.31
C ASN A 83 21.17 -23.95 -18.34
N GLU A 84 21.64 -23.64 -19.55
CA GLU A 84 20.73 -23.36 -20.66
C GLU A 84 21.23 -23.99 -21.96
N VAL A 85 21.88 -25.14 -21.82
CA VAL A 85 22.45 -25.84 -22.97
C VAL A 85 21.35 -26.44 -23.85
N GLU A 86 20.40 -27.12 -23.21
CA GLU A 86 19.36 -27.84 -23.92
C GLU A 86 18.12 -26.96 -24.13
N ARG A 87 17.01 -27.56 -24.58
CA ARG A 87 15.85 -26.76 -24.97
C ARG A 87 15.06 -26.26 -23.78
N LEU A 88 14.49 -25.07 -23.92
CA LEU A 88 13.55 -24.51 -22.97
C LEU A 88 12.17 -25.08 -23.29
N ILE A 89 11.24 -24.98 -22.35
CA ILE A 89 9.89 -25.45 -22.61
C ILE A 89 8.91 -24.32 -22.34
N HIS A 90 7.97 -24.13 -23.26
CA HIS A 90 6.80 -23.30 -23.00
C HIS A 90 5.61 -24.24 -22.92
N HIS A 91 4.99 -24.27 -21.75
CA HIS A 91 3.84 -25.14 -21.52
C HIS A 91 2.61 -24.25 -21.49
N VAL A 92 1.74 -24.44 -22.47
CA VAL A 92 0.53 -23.64 -22.59
C VAL A 92 -0.64 -24.54 -22.99
N LYS A 93 -1.78 -24.31 -22.34
CA LYS A 93 -3.00 -25.09 -22.55
C LYS A 93 -2.76 -26.61 -22.42
N GLY A 94 -1.97 -26.96 -21.42
CA GLY A 94 -1.73 -28.35 -21.07
C GLY A 94 -0.76 -29.12 -21.95
N LYS A 95 -0.02 -28.42 -22.82
CA LYS A 95 0.93 -29.05 -23.73
C LYS A 95 2.28 -28.33 -23.70
N SER A 96 3.36 -29.11 -23.83
CA SER A 96 4.71 -28.55 -23.81
C SER A 96 5.25 -28.35 -25.21
N TYR A 97 5.85 -27.19 -25.43
CA TYR A 97 6.46 -26.84 -26.71
C TYR A 97 7.91 -26.43 -26.50
N PRO A 98 8.84 -27.34 -26.81
CA PRO A 98 10.27 -27.05 -26.66
C PRO A 98 10.75 -25.97 -27.64
N PHE A 99 11.74 -25.19 -27.22
CA PHE A 99 12.28 -24.12 -28.05
C PHE A 99 13.67 -23.71 -27.62
N ARG A 100 14.27 -22.83 -28.42
CA ARG A 100 15.60 -22.25 -28.17
C ARG A 100 15.50 -20.73 -28.21
N GLY A 101 16.38 -20.07 -27.44
CA GLY A 101 16.41 -18.62 -27.39
C GLY A 101 15.63 -18.10 -26.18
N PRO A 102 15.70 -16.79 -25.95
CA PRO A 102 15.00 -16.17 -24.81
C PRO A 102 13.47 -16.20 -24.93
N PHE A 103 12.98 -16.20 -26.16
CA PHE A 103 11.54 -16.09 -26.43
C PHE A 103 10.95 -17.36 -27.03
N PRO A 104 9.82 -17.80 -26.50
CA PRO A 104 9.06 -18.89 -27.12
C PRO A 104 8.56 -18.46 -28.51
N PRO A 105 8.79 -19.27 -29.54
CA PRO A 105 8.33 -18.94 -30.89
C PRO A 105 6.80 -18.96 -31.00
N VAL A 106 6.26 -18.00 -31.73
CA VAL A 106 4.85 -17.98 -32.07
C VAL A 106 4.73 -18.12 -33.59
N TRP A 107 3.89 -19.05 -34.04
CA TRP A 107 3.78 -19.36 -35.46
C TRP A 107 2.64 -18.62 -36.17
N ASN A 108 1.53 -18.44 -35.47
CA ASN A 108 0.37 -17.72 -36.02
C ASN A 108 0.74 -16.28 -36.37
N PRO A 109 0.57 -15.90 -37.64
CA PRO A 109 0.91 -14.55 -38.12
C PRO A 109 0.28 -13.40 -37.34
N ILE A 110 -1.00 -13.48 -36.95
CA ILE A 110 -1.67 -12.41 -36.18
C ILE A 110 -1.10 -12.34 -34.76
N THR A 111 -1.03 -13.51 -34.12
CA THR A 111 -0.50 -13.64 -32.77
C THR A 111 0.97 -13.19 -32.74
N TYR A 112 1.71 -13.53 -33.78
CA TYR A 112 3.09 -13.09 -33.93
C TYR A 112 3.22 -11.57 -33.92
N LEU A 113 2.40 -10.91 -34.73
CA LEU A 113 2.39 -9.45 -34.78
C LEU A 113 2.08 -8.84 -33.42
N ASP A 114 1.09 -9.42 -32.74
CA ASP A 114 0.65 -8.96 -31.43
C ASP A 114 1.75 -9.12 -30.37
N HIS A 115 2.38 -10.31 -30.33
CA HIS A 115 3.47 -10.59 -29.40
C HIS A 115 4.62 -9.63 -29.66
N ASN A 116 5.00 -9.50 -30.93
CA ASN A 116 6.08 -8.62 -31.30
C ASN A 116 5.84 -7.18 -30.88
N ASN A 117 4.61 -6.71 -31.13
CA ASN A 117 4.25 -5.34 -30.78
C ASN A 117 4.29 -5.10 -29.28
N PHE A 118 3.81 -6.09 -28.51
CA PHE A 118 3.76 -5.93 -27.05
C PHE A 118 5.15 -5.64 -26.47
N TRP A 119 6.11 -6.52 -26.74
CA TRP A 119 7.46 -6.40 -26.19
C TRP A 119 8.13 -5.12 -26.68
N ARG A 120 7.94 -4.83 -27.97
CA ARG A 120 8.48 -3.63 -28.57
C ARG A 120 7.94 -2.38 -27.89
N THR A 121 6.63 -2.36 -27.64
CA THR A 121 5.98 -1.22 -27.03
C THR A 121 6.44 -1.02 -25.58
N MET A 122 6.62 -2.12 -24.85
CA MET A 122 7.14 -2.06 -23.49
C MET A 122 8.46 -1.31 -23.45
N ASP A 123 9.35 -1.64 -24.37
CA ASP A 123 10.65 -0.98 -24.44
C ASP A 123 10.54 0.44 -24.98
N ASP A 124 9.64 0.66 -25.95
CA ASP A 124 9.39 1.99 -26.51
C ASP A 124 8.96 2.95 -25.40
N MET A 125 7.98 2.52 -24.61
CA MET A 125 7.47 3.31 -23.49
C MET A 125 8.56 3.52 -22.46
N GLY A 126 9.35 2.47 -22.20
CA GLY A 126 10.47 2.55 -21.28
C GLY A 126 11.46 3.65 -21.63
N ARG A 127 11.71 3.84 -22.92
CA ARG A 127 12.66 4.85 -23.39
C ARG A 127 12.26 6.28 -23.03
N GLU A 128 10.97 6.48 -22.74
CA GLU A 128 10.49 7.79 -22.33
C GLU A 128 10.59 8.01 -20.81
N ILE A 129 11.04 6.99 -20.08
CA ILE A 129 11.07 7.05 -18.61
C ILE A 129 12.50 7.17 -18.08
N PRO A 130 12.84 8.32 -17.50
CA PRO A 130 14.17 8.48 -16.89
C PRO A 130 14.37 7.51 -15.73
N SER A 131 15.49 6.80 -15.73
CA SER A 131 15.77 5.81 -14.69
C SER A 131 15.83 6.42 -13.30
N ASP A 132 16.39 7.63 -13.21
CA ASP A 132 16.56 8.29 -11.92
C ASP A 132 15.38 9.17 -11.51
N ALA A 133 14.35 9.23 -12.36
CA ALA A 133 13.20 10.09 -12.11
C ALA A 133 12.02 9.68 -12.99
N PRO A 134 11.45 8.49 -12.77
CA PRO A 134 10.35 8.01 -13.61
C PRO A 134 9.14 8.96 -13.63
N TRP A 135 8.93 9.70 -12.55
CA TRP A 135 7.85 10.68 -12.46
C TRP A 135 8.02 11.84 -13.45
N LYS A 136 9.19 11.92 -14.09
CA LYS A 136 9.46 12.96 -15.11
C LYS A 136 9.16 12.51 -16.55
N ALA A 137 8.68 11.27 -16.72
CA ALA A 137 8.22 10.81 -18.03
C ALA A 137 7.13 11.77 -18.53
N PRO A 138 7.12 12.08 -19.83
CA PRO A 138 6.14 13.02 -20.39
C PRO A 138 4.70 12.64 -20.07
N LEU A 139 4.41 11.33 -20.06
CA LEU A 139 3.07 10.82 -19.78
C LEU A 139 3.04 10.10 -18.43
N ALA A 140 3.89 10.55 -17.50
CA ALA A 140 3.98 9.92 -16.18
C ALA A 140 2.63 9.74 -15.51
N GLU A 141 1.84 10.81 -15.46
CA GLU A 141 0.56 10.78 -14.77
C GLU A 141 -0.40 9.78 -15.42
N GLU A 142 -0.54 9.87 -16.74
CA GLU A 142 -1.38 8.95 -17.51
C GLU A 142 -0.99 7.49 -17.26
N TRP A 143 0.30 7.19 -17.33
CA TRP A 143 0.76 5.82 -17.16
C TRP A 143 0.67 5.34 -15.72
N ASP A 144 0.88 6.24 -14.77
CA ASP A 144 0.84 5.90 -13.36
C ASP A 144 -0.59 5.66 -12.85
N ASN A 145 -1.57 6.22 -13.56
CA ASN A 145 -2.97 6.12 -13.15
C ASN A 145 -3.68 4.89 -13.74
N MET A 146 -2.88 4.04 -14.39
CA MET A 146 -3.31 2.80 -15.01
C MET A 146 -2.59 1.67 -14.31
N THR A 147 -3.27 0.53 -14.15
CA THR A 147 -2.57 -0.69 -13.75
C THR A 147 -1.96 -1.36 -14.98
N MET A 148 -1.05 -2.29 -14.75
CA MET A 148 -0.53 -3.09 -15.85
C MET A 148 -1.62 -3.91 -16.51
N LYS A 149 -2.63 -4.32 -15.75
CA LYS A 149 -3.77 -5.03 -16.34
C LYS A 149 -4.45 -4.19 -17.42
N GLU A 150 -4.71 -2.91 -17.10
CA GLU A 150 -5.33 -1.99 -18.05
C GLU A 150 -4.48 -1.79 -19.29
N LEU A 151 -3.17 -1.68 -19.08
CA LEU A 151 -2.26 -1.49 -20.20
C LEU A 151 -2.26 -2.72 -21.11
N LEU A 152 -2.20 -3.91 -20.51
CA LEU A 152 -2.25 -5.15 -21.27
C LEU A 152 -3.56 -5.28 -22.05
N ASP A 153 -4.66 -4.90 -21.40
CA ASP A 153 -5.98 -4.92 -22.03
C ASP A 153 -6.03 -4.04 -23.27
N LYS A 154 -5.37 -2.88 -23.21
CA LYS A 154 -5.32 -1.94 -24.32
C LYS A 154 -4.40 -2.44 -25.45
N LEU A 155 -3.26 -3.00 -25.07
CA LEU A 155 -2.19 -3.31 -26.02
C LEU A 155 -2.30 -4.65 -26.71
N CYS A 156 -2.79 -5.66 -26.00
CA CYS A 156 -2.80 -7.03 -26.52
C CYS A 156 -4.10 -7.35 -27.23
N TRP A 157 -4.00 -7.62 -28.53
CA TRP A 157 -5.18 -7.95 -29.33
C TRP A 157 -5.45 -9.46 -29.40
N THR A 158 -4.51 -10.24 -28.87
CA THR A 158 -4.71 -11.69 -28.72
C THR A 158 -4.63 -12.10 -27.26
N GLU A 159 -5.40 -13.13 -26.89
CA GLU A 159 -5.33 -13.69 -25.53
C GLU A 159 -3.96 -14.31 -25.25
N SER A 160 -3.35 -14.88 -26.29
CA SER A 160 -2.03 -15.50 -26.18
C SER A 160 -0.96 -14.51 -25.72
N ALA A 161 -0.94 -13.33 -26.32
CA ALA A 161 -0.01 -12.28 -25.93
C ALA A 161 -0.32 -11.78 -24.53
N LYS A 162 -1.60 -11.59 -24.25
CA LYS A 162 -2.03 -11.11 -22.94
C LYS A 162 -1.63 -12.09 -21.83
N GLN A 163 -1.80 -13.38 -22.09
CA GLN A 163 -1.48 -14.40 -21.08
C GLN A 163 0.02 -14.46 -20.81
N LEU A 164 0.83 -14.37 -21.87
CA LEU A 164 2.29 -14.40 -21.69
C LEU A 164 2.80 -13.13 -21.03
N ALA A 165 2.23 -11.99 -21.40
CA ALA A 165 2.57 -10.71 -20.78
C ALA A 165 2.23 -10.73 -19.29
N THR A 166 1.08 -11.36 -18.96
CA THR A 166 0.65 -11.49 -17.57
C THR A 166 1.63 -12.31 -16.76
N LEU A 167 2.04 -13.46 -17.32
CA LEU A 167 3.04 -14.30 -16.69
C LEU A 167 4.31 -13.51 -16.44
N PHE A 168 4.75 -12.77 -17.46
CA PHE A 168 5.91 -11.90 -17.37
C PHE A 168 5.83 -10.92 -16.18
N VAL A 169 4.69 -10.25 -16.04
CA VAL A 169 4.53 -9.31 -14.94
C VAL A 169 4.60 -10.04 -13.60
N ASN A 170 3.87 -11.15 -13.47
CA ASN A 170 3.86 -11.94 -12.24
C ASN A 170 5.26 -12.39 -11.85
N LEU A 171 6.02 -12.84 -12.84
CA LEU A 171 7.37 -13.34 -12.62
C LEU A 171 8.36 -12.24 -12.27
N CYS A 172 8.22 -11.09 -12.94
CA CYS A 172 9.12 -9.97 -12.77
C CYS A 172 9.01 -9.31 -11.40
N VAL A 173 7.77 -9.12 -10.95
CA VAL A 173 7.52 -8.31 -9.76
C VAL A 173 6.63 -8.97 -8.68
N THR A 174 6.45 -10.29 -8.79
CA THR A 174 5.70 -11.11 -7.83
C THR A 174 4.38 -10.49 -7.37
N ALA A 175 3.68 -9.91 -8.34
CA ALA A 175 2.44 -9.21 -8.09
C ALA A 175 1.54 -9.42 -9.30
N GLU A 176 0.26 -9.21 -9.08
CA GLU A 176 -0.72 -9.35 -10.14
C GLU A 176 -0.70 -8.10 -11.02
N THR A 177 -1.14 -8.24 -12.25
CA THR A 177 -1.12 -7.12 -13.19
C THR A 177 -2.01 -5.98 -12.72
N HIS A 178 -3.12 -6.34 -12.08
CA HIS A 178 -4.04 -5.34 -11.55
C HIS A 178 -3.57 -4.69 -10.26
N GLU A 179 -2.47 -5.17 -9.67
CA GLU A 179 -1.96 -4.63 -8.42
C GLU A 179 -0.98 -3.48 -8.62
N VAL A 180 -0.34 -3.44 -9.79
CA VAL A 180 0.82 -2.56 -9.99
C VAL A 180 0.59 -1.46 -11.02
N SER A 181 1.19 -0.30 -10.76
CA SER A 181 1.18 0.82 -11.69
C SER A 181 1.88 0.44 -13.00
N ALA A 182 1.30 0.87 -14.12
CA ALA A 182 1.95 0.68 -15.42
C ALA A 182 3.24 1.50 -15.51
N LEU A 183 3.21 2.76 -15.04
CA LEU A 183 4.42 3.59 -15.06
C LEU A 183 5.54 2.91 -14.28
N TRP A 184 5.22 2.44 -13.07
CA TRP A 184 6.22 1.81 -12.23
C TRP A 184 6.77 0.55 -12.89
N PHE A 185 5.88 -0.29 -13.43
CA PHE A 185 6.35 -1.52 -14.05
C PHE A 185 7.21 -1.24 -15.28
N LEU A 186 6.81 -0.27 -16.07
CA LEU A 186 7.59 0.09 -17.27
C LEU A 186 8.95 0.64 -16.87
N TRP A 187 8.99 1.45 -15.81
CA TRP A 187 10.25 1.93 -15.25
C TRP A 187 11.09 0.76 -14.80
N TYR A 188 10.47 -0.17 -14.06
CA TYR A 188 11.19 -1.31 -13.49
C TYR A 188 11.91 -2.11 -14.56
N VAL A 189 11.22 -2.40 -15.66
CA VAL A 189 11.81 -3.17 -16.75
C VAL A 189 12.92 -2.38 -17.43
N LYS A 190 12.66 -1.10 -17.69
CA LYS A 190 13.63 -0.24 -18.39
C LYS A 190 14.94 -0.11 -17.60
N GLN A 191 14.81 0.06 -16.29
CA GLN A 191 15.98 0.28 -15.43
C GLN A 191 16.80 -0.99 -15.19
N CYS A 192 16.28 -2.12 -15.66
CA CYS A 192 17.07 -3.35 -15.73
C CYS A 192 17.70 -3.53 -17.09
N GLY A 193 17.42 -2.62 -18.03
CA GLY A 193 17.99 -2.69 -19.35
C GLY A 193 17.02 -3.19 -20.41
N GLY A 194 15.75 -3.34 -20.05
CA GLY A 194 14.74 -3.71 -21.01
C GLY A 194 14.30 -5.17 -20.97
N THR A 195 13.31 -5.49 -21.82
CA THR A 195 12.67 -6.79 -21.75
C THR A 195 13.62 -7.95 -21.99
N THR A 196 14.42 -7.87 -23.06
CA THR A 196 15.34 -8.95 -23.37
C THR A 196 16.34 -9.20 -22.24
N ARG A 197 16.95 -8.13 -21.73
CA ARG A 197 17.92 -8.25 -20.65
C ARG A 197 17.30 -8.85 -19.39
N ILE A 198 16.10 -8.43 -19.02
CA ILE A 198 15.51 -8.90 -17.78
C ILE A 198 15.06 -10.38 -17.85
N ILE A 199 14.60 -10.81 -19.03
CA ILE A 199 14.03 -12.16 -19.15
C ILE A 199 15.04 -13.24 -19.50
N SER A 200 16.21 -12.83 -19.97
CA SER A 200 17.15 -13.79 -20.53
C SER A 200 17.99 -14.48 -19.47
N THR A 201 18.31 -15.75 -19.74
CA THR A 201 19.28 -16.47 -18.94
C THR A 201 20.63 -16.12 -19.57
N THR A 202 20.96 -16.77 -20.69
CA THR A 202 22.13 -16.34 -21.47
C THR A 202 22.00 -14.86 -21.84
N ASN A 203 23.03 -14.08 -21.51
CA ASN A 203 23.08 -12.62 -21.75
C ASN A 203 22.04 -11.79 -20.98
N GLY A 204 21.50 -12.37 -19.91
CA GLY A 204 20.53 -11.64 -19.13
C GLY A 204 20.66 -11.82 -17.63
N GLY A 205 19.64 -11.36 -16.90
CA GLY A 205 19.66 -11.37 -15.45
C GLY A 205 19.82 -12.74 -14.80
N GLN A 206 19.49 -13.80 -15.53
CA GLN A 206 19.54 -15.14 -14.94
C GLN A 206 20.74 -15.96 -15.39
N GLU A 207 21.76 -15.28 -15.91
CA GLU A 207 22.89 -16.00 -16.50
C GLU A 207 23.67 -16.83 -15.48
N ARG A 208 23.83 -16.29 -14.28
CA ARG A 208 24.77 -16.85 -13.33
C ARG A 208 24.26 -16.90 -11.91
N LYS A 209 24.92 -17.73 -11.10
CA LYS A 209 24.75 -17.74 -9.65
C LYS A 209 26.13 -17.73 -9.02
N PHE A 210 26.18 -17.44 -7.73
CA PHE A 210 27.44 -17.48 -6.99
C PHE A 210 27.73 -18.89 -6.50
N VAL A 211 28.96 -19.33 -6.73
CA VAL A 211 29.41 -20.60 -6.15
C VAL A 211 29.38 -20.46 -4.63
N GLY A 212 28.64 -21.34 -3.96
CA GLY A 212 28.53 -21.31 -2.52
C GLY A 212 27.35 -20.51 -1.99
N GLY A 213 26.67 -19.81 -2.89
CA GLY A 213 25.48 -19.04 -2.52
C GLY A 213 25.72 -17.55 -2.37
N SER A 214 24.66 -16.77 -2.61
CA SER A 214 24.73 -15.32 -2.53
C SER A 214 24.85 -14.79 -1.10
N GLY A 215 24.43 -15.60 -0.13
CA GLY A 215 24.50 -15.23 1.28
C GLY A 215 25.92 -14.89 1.72
N GLN A 216 26.89 -15.45 1.00
CA GLN A 216 28.31 -15.18 1.28
C GLN A 216 28.69 -13.72 1.11
N VAL A 217 27.97 -12.97 0.28
CA VAL A 217 28.29 -11.55 0.11
C VAL A 217 28.15 -10.84 1.46
N SER A 218 26.98 -10.96 2.07
CA SER A 218 26.75 -10.31 3.36
C SER A 218 27.58 -10.92 4.47
N GLU A 219 27.77 -12.24 4.42
CA GLU A 219 28.52 -12.96 5.46
C GLU A 219 29.99 -12.53 5.47
N ARG A 220 30.56 -12.39 4.28
CA ARG A 220 31.98 -12.03 4.17
C ARG A 220 32.24 -10.58 4.51
N ILE A 221 31.27 -9.70 4.28
CA ILE A 221 31.41 -8.32 4.75
C ILE A 221 31.30 -8.28 6.28
N MET A 222 30.40 -9.08 6.84
CA MET A 222 30.29 -9.20 8.29
C MET A 222 31.61 -9.67 8.90
N ASP A 223 32.28 -10.61 8.21
CA ASP A 223 33.59 -11.10 8.66
C ASP A 223 34.59 -9.95 8.74
N LEU A 224 34.60 -9.11 7.71
CA LEU A 224 35.49 -7.95 7.64
C LEU A 224 35.20 -6.91 8.72
N LEU A 225 33.91 -6.70 9.02
CA LEU A 225 33.50 -5.69 9.98
C LEU A 225 33.58 -6.17 11.42
N GLY A 226 33.58 -7.49 11.62
CA GLY A 226 33.64 -8.10 12.93
C GLY A 226 32.55 -7.66 13.90
N ASP A 227 32.98 -7.16 15.05
CA ASP A 227 32.09 -6.76 16.14
C ASP A 227 31.19 -5.57 15.83
N ARG A 228 31.47 -4.89 14.71
CA ARG A 228 30.67 -3.73 14.29
C ARG A 228 29.26 -4.11 13.83
N VAL A 229 29.06 -5.36 13.46
CA VAL A 229 27.73 -5.87 13.08
C VAL A 229 27.06 -6.43 14.34
N LYS A 230 25.91 -5.86 14.68
CA LYS A 230 25.15 -6.26 15.86
C LYS A 230 23.89 -6.98 15.44
N LEU A 231 23.86 -8.29 15.65
CA LEU A 231 22.71 -9.11 15.29
C LEU A 231 21.67 -9.08 16.39
N GLU A 232 20.41 -9.34 16.00
CA GLU A 232 19.25 -9.30 16.90
C GLU A 232 19.12 -7.94 17.59
N ARG A 233 19.32 -6.89 16.77
CA ARG A 233 19.14 -5.52 17.20
C ARG A 233 18.15 -4.82 16.26
N PRO A 234 16.86 -5.13 16.38
CA PRO A 234 15.86 -4.43 15.58
C PRO A 234 15.79 -2.99 16.07
N VAL A 235 15.93 -2.04 15.15
CA VAL A 235 15.81 -0.62 15.46
C VAL A 235 14.35 -0.27 15.65
N ILE A 236 14.04 0.43 16.73
CA ILE A 236 12.67 0.81 17.07
C ILE A 236 12.44 2.32 17.11
N TYR A 237 13.53 3.07 17.20
CA TYR A 237 13.45 4.50 17.49
C TYR A 237 14.66 5.26 16.97
N ILE A 238 14.40 6.35 16.24
CA ILE A 238 15.47 7.25 15.81
C ILE A 238 15.11 8.67 16.23
N ASP A 239 16.02 9.28 16.98
CA ASP A 239 15.83 10.61 17.55
C ASP A 239 16.87 11.55 16.95
N GLN A 240 16.39 12.58 16.25
CA GLN A 240 17.25 13.56 15.59
C GLN A 240 17.13 14.97 16.18
N THR A 241 16.62 15.07 17.40
CA THR A 241 16.40 16.38 18.01
C THR A 241 17.67 16.99 18.61
N ARG A 242 18.66 16.15 18.89
CA ARG A 242 19.91 16.58 19.54
C ARG A 242 21.07 16.67 18.55
N GLU A 243 22.24 17.04 19.09
CA GLU A 243 23.46 17.21 18.28
C GLU A 243 23.85 15.94 17.52
N ASN A 244 23.84 14.81 18.22
CA ASN A 244 24.07 13.51 17.60
C ASN A 244 22.74 12.75 17.47
N VAL A 245 22.63 11.95 16.42
CA VAL A 245 21.46 11.11 16.21
C VAL A 245 21.49 9.93 17.18
N LEU A 246 20.36 9.67 17.83
CA LEU A 246 20.22 8.55 18.74
C LEU A 246 19.39 7.45 18.09
N VAL A 247 19.93 6.24 18.08
CA VAL A 247 19.24 5.09 17.51
C VAL A 247 19.05 4.04 18.59
N GLU A 248 17.80 3.70 18.87
CA GLU A 248 17.48 2.72 19.90
C GLU A 248 17.01 1.40 19.30
N THR A 249 17.40 0.30 19.93
CA THR A 249 16.98 -1.03 19.50
C THR A 249 15.97 -1.65 20.46
N LEU A 250 15.32 -2.72 20.00
CA LEU A 250 14.32 -3.44 20.77
C LEU A 250 14.88 -4.05 22.06
N ASN A 251 16.13 -4.46 22.02
CA ASN A 251 16.81 -5.06 23.17
C ASN A 251 17.43 -4.01 24.11
N HIS A 252 16.94 -2.77 24.00
CA HIS A 252 17.20 -1.66 24.93
C HIS A 252 18.52 -0.88 24.74
N GLU A 253 19.30 -1.27 23.75
CA GLU A 253 20.59 -0.60 23.49
C GLU A 253 20.41 0.74 22.77
N MET A 254 21.28 1.68 23.09
CA MET A 254 21.27 2.99 22.45
C MET A 254 22.58 3.22 21.70
N TYR A 255 22.45 3.69 20.46
CA TYR A 255 23.60 4.00 19.62
C TYR A 255 23.57 5.46 19.23
N GLU A 256 24.73 6.11 19.32
CA GLU A 256 24.86 7.50 18.96
C GLU A 256 25.73 7.65 17.72
N ALA A 257 25.24 8.44 16.75
CA ALA A 257 25.95 8.62 15.49
C ALA A 257 25.78 10.02 14.93
N LYS A 258 26.67 10.38 14.01
CA LYS A 258 26.58 11.65 13.28
C LYS A 258 25.52 11.52 12.19
N TYR A 259 25.45 10.36 11.56
CA TYR A 259 24.50 10.09 10.48
C TYR A 259 23.95 8.67 10.56
N VAL A 260 22.82 8.45 9.90
CA VAL A 260 22.21 7.13 9.83
C VAL A 260 21.92 6.79 8.36
N ILE A 261 22.19 5.53 7.99
CA ILE A 261 21.71 5.00 6.73
C ILE A 261 20.58 4.02 7.02
N SER A 262 19.42 4.26 6.42
CA SER A 262 18.32 3.31 6.48
C SER A 262 18.43 2.38 5.28
N ALA A 263 18.82 1.13 5.53
CA ALA A 263 19.05 0.17 4.46
C ALA A 263 18.02 -0.95 4.54
N ILE A 264 16.77 -0.58 4.78
CA ILE A 264 15.67 -1.53 4.90
C ILE A 264 14.62 -1.22 3.82
N PRO A 265 13.78 -2.18 3.44
CA PRO A 265 12.67 -1.90 2.52
C PRO A 265 11.88 -0.67 2.99
N PRO A 266 11.49 0.22 2.09
CA PRO A 266 10.84 1.48 2.48
C PRO A 266 9.71 1.28 3.48
N THR A 267 8.81 0.32 3.25
CA THR A 267 7.69 0.12 4.16
C THR A 267 8.10 -0.33 5.57
N LEU A 268 9.24 -1.00 5.67
CA LEU A 268 9.73 -1.44 6.99
C LEU A 268 10.20 -0.28 7.86
N GLY A 269 10.37 0.89 7.24
CA GLY A 269 10.58 2.13 7.99
C GLY A 269 9.45 2.39 8.98
N MET A 270 8.28 1.79 8.74
CA MET A 270 7.15 1.93 9.64
C MET A 270 7.42 1.31 11.01
N LYS A 271 8.34 0.36 11.08
CA LYS A 271 8.65 -0.32 12.34
C LYS A 271 9.48 0.57 13.27
N ILE A 272 9.86 1.73 12.78
CA ILE A 272 10.66 2.69 13.54
C ILE A 272 9.81 3.89 13.91
N HIS A 273 9.89 4.29 15.18
CA HIS A 273 9.23 5.50 15.64
C HIS A 273 10.23 6.64 15.50
N PHE A 274 9.80 7.74 14.90
CA PHE A 274 10.71 8.83 14.59
C PHE A 274 10.44 10.06 15.44
N ASN A 275 11.54 10.70 15.88
CA ASN A 275 11.48 11.97 16.57
C ASN A 275 12.56 12.88 15.97
N PRO A 276 12.16 14.00 15.38
CA PRO A 276 10.76 14.40 15.20
C PRO A 276 10.06 13.50 14.17
N PRO A 277 8.74 13.61 14.04
CA PRO A 277 8.03 12.81 13.04
C PRO A 277 8.58 13.04 11.64
N LEU A 278 8.49 12.02 10.79
CA LEU A 278 8.90 12.17 9.40
C LEU A 278 8.09 13.27 8.72
N PRO A 279 8.67 13.91 7.70
CA PRO A 279 7.89 14.85 6.88
C PRO A 279 6.70 14.11 6.27
N MET A 280 5.61 14.85 6.03
CA MET A 280 4.35 14.26 5.57
C MET A 280 4.48 13.31 4.39
N MET A 281 5.24 13.70 3.37
CA MET A 281 5.34 12.87 2.18
C MET A 281 5.94 11.49 2.48
N ARG A 282 7.05 11.46 3.22
CA ARG A 282 7.61 10.16 3.60
C ARG A 282 6.73 9.38 4.56
N ASN A 283 6.11 10.09 5.51
CA ASN A 283 5.20 9.47 6.47
C ASN A 283 4.14 8.63 5.75
N GLN A 284 3.55 9.20 4.71
CA GLN A 284 2.54 8.50 3.94
C GLN A 284 3.12 7.52 2.91
N MET A 285 4.25 7.87 2.30
CA MET A 285 4.86 6.99 1.30
C MET A 285 5.09 5.58 1.84
N ILE A 286 5.59 5.49 3.07
CA ILE A 286 5.99 4.21 3.63
C ILE A 286 4.81 3.28 3.99
N THR A 287 3.59 3.78 3.84
CA THR A 287 2.37 2.97 3.99
C THR A 287 1.80 2.57 2.64
N ARG A 288 2.46 2.99 1.56
CA ARG A 288 1.91 2.83 0.21
C ARG A 288 2.73 1.92 -0.70
N VAL A 289 3.74 1.26 -0.13
CA VAL A 289 4.75 0.57 -0.93
C VAL A 289 4.99 -0.88 -0.44
N PRO A 290 4.07 -1.79 -0.78
CA PRO A 290 4.18 -3.18 -0.34
C PRO A 290 5.23 -3.96 -1.12
N LEU A 291 5.63 -5.10 -0.56
CA LEU A 291 6.49 -6.02 -1.29
C LEU A 291 5.64 -7.15 -1.85
N GLY A 292 6.16 -7.81 -2.89
CA GLY A 292 5.44 -8.88 -3.55
C GLY A 292 5.38 -10.17 -2.76
N SER A 293 4.77 -11.18 -3.36
CA SER A 293 4.51 -12.46 -2.70
C SER A 293 5.12 -13.58 -3.50
N VAL A 294 5.96 -14.38 -2.84
CA VAL A 294 6.62 -15.49 -3.53
C VAL A 294 7.04 -16.59 -2.57
N ILE A 295 6.91 -17.84 -3.04
CA ILE A 295 7.57 -18.97 -2.40
C ILE A 295 8.59 -19.49 -3.40
N LYS A 296 9.85 -19.55 -2.96
CA LYS A 296 10.90 -20.15 -3.77
C LYS A 296 11.02 -21.62 -3.38
N CYS A 297 10.90 -22.51 -4.37
CA CYS A 297 10.85 -23.95 -4.09
C CYS A 297 11.89 -24.68 -4.89
N ILE A 298 12.62 -25.58 -4.24
CA ILE A 298 13.66 -26.34 -4.94
C ILE A 298 13.43 -27.83 -4.69
N VAL A 299 13.18 -28.55 -5.78
CA VAL A 299 12.95 -29.99 -5.74
C VAL A 299 14.22 -30.69 -6.22
N TYR A 300 14.71 -31.63 -5.40
CA TYR A 300 15.96 -32.34 -5.70
C TYR A 300 15.69 -33.72 -6.24
N TYR A 301 16.54 -34.14 -7.18
CA TYR A 301 16.42 -35.44 -7.84
C TYR A 301 17.77 -36.15 -7.84
N LYS A 302 17.74 -37.46 -8.09
CA LYS A 302 18.96 -38.26 -8.18
C LYS A 302 19.89 -37.80 -9.29
N GLU A 303 19.30 -37.46 -10.45
CA GLU A 303 20.04 -36.99 -11.60
C GLU A 303 19.26 -35.87 -12.31
N PRO A 304 19.94 -35.03 -13.09
CA PRO A 304 19.24 -34.02 -13.91
C PRO A 304 18.68 -34.68 -15.15
N PHE A 305 17.66 -35.52 -14.93
CA PHE A 305 17.06 -36.38 -15.94
C PHE A 305 16.49 -35.64 -17.15
N TRP A 306 16.07 -34.39 -16.94
CA TRP A 306 15.52 -33.57 -18.03
C TRP A 306 16.54 -33.36 -19.15
N ARG A 307 17.82 -33.29 -18.79
CA ARG A 307 18.87 -33.05 -19.78
C ARG A 307 18.95 -34.18 -20.80
N LYS A 308 18.64 -35.40 -20.36
CA LYS A 308 18.66 -36.58 -21.22
C LYS A 308 17.60 -36.51 -22.31
N LYS A 309 16.55 -35.74 -22.05
CA LYS A 309 15.47 -35.51 -23.01
C LYS A 309 15.67 -34.20 -23.78
N ASP A 310 16.87 -33.63 -23.67
CA ASP A 310 17.23 -32.38 -24.32
C ASP A 310 16.38 -31.20 -23.84
N TYR A 311 16.10 -31.18 -22.53
CA TYR A 311 15.52 -30.05 -21.85
C TYR A 311 16.52 -29.50 -20.87
N CYS A 312 16.69 -28.17 -20.85
CA CYS A 312 17.67 -27.58 -19.95
C CYS A 312 17.16 -27.46 -18.52
N GLY A 313 15.84 -27.50 -18.34
CA GLY A 313 15.23 -27.35 -17.04
C GLY A 313 14.43 -26.08 -16.92
N THR A 314 14.55 -25.19 -17.90
CA THR A 314 13.75 -23.97 -17.95
C THR A 314 12.36 -24.30 -18.45
N MET A 315 11.34 -23.95 -17.67
CA MET A 315 9.97 -24.16 -18.08
C MET A 315 9.18 -22.87 -17.81
N ILE A 316 8.50 -22.43 -18.85
CA ILE A 316 7.56 -21.30 -18.76
C ILE A 316 6.19 -21.92 -18.79
N ILE A 317 5.56 -21.94 -17.64
CA ILE A 317 4.28 -22.64 -17.48
C ILE A 317 3.13 -21.68 -17.21
N ASP A 318 2.31 -21.56 -18.23
CA ASP A 318 1.10 -20.76 -18.17
C ASP A 318 -0.06 -21.66 -17.73
N GLY A 319 -1.03 -21.01 -17.09
CA GLY A 319 -2.26 -21.64 -16.59
C GLY A 319 -2.43 -21.41 -15.08
N GLU A 320 -3.69 -21.27 -14.68
CA GLU A 320 -4.07 -21.04 -13.28
C GLU A 320 -3.79 -22.29 -12.41
N GLU A 321 -3.88 -23.45 -13.04
CA GLU A 321 -3.73 -24.75 -12.34
C GLU A 321 -2.30 -25.03 -11.89
N ALA A 322 -1.33 -24.51 -12.65
CA ALA A 322 0.08 -24.71 -12.36
C ALA A 322 0.51 -23.86 -11.16
N PRO A 323 1.02 -24.50 -10.09
CA PRO A 323 1.50 -23.76 -8.93
C PRO A 323 2.72 -22.88 -9.22
N VAL A 324 3.58 -23.38 -10.12
CA VAL A 324 4.80 -22.70 -10.51
C VAL A 324 4.69 -22.26 -11.97
N ALA A 325 5.00 -20.99 -12.24
CA ALA A 325 4.93 -20.46 -13.61
C ALA A 325 6.27 -20.44 -14.31
N TYR A 326 7.34 -20.62 -13.54
CA TYR A 326 8.69 -20.53 -14.10
C TYR A 326 9.69 -21.35 -13.30
N THR A 327 10.53 -22.11 -14.01
CA THR A 327 11.57 -22.90 -13.38
C THR A 327 12.89 -22.70 -14.07
N LEU A 328 13.95 -23.00 -13.33
CA LEU A 328 15.30 -23.10 -13.85
C LEU A 328 16.00 -24.31 -13.24
N ASP A 329 16.88 -24.93 -14.01
CA ASP A 329 17.77 -25.95 -13.50
C ASP A 329 18.61 -25.36 -12.36
N ASP A 330 18.60 -26.01 -11.20
CA ASP A 330 19.36 -25.53 -10.02
C ASP A 330 20.46 -26.53 -9.63
N THR A 331 20.78 -27.42 -10.55
CA THR A 331 21.87 -28.38 -10.37
C THR A 331 23.19 -27.64 -10.12
N LYS A 332 24.04 -28.21 -9.27
CA LYS A 332 25.35 -27.60 -8.99
C LYS A 332 26.19 -27.61 -10.25
N PRO A 333 27.14 -26.67 -10.37
CA PRO A 333 28.01 -26.61 -11.55
C PRO A 333 28.76 -27.92 -11.79
N GLU A 334 28.99 -28.70 -10.72
CA GLU A 334 29.66 -29.99 -10.80
C GLU A 334 28.78 -31.09 -11.40
N GLY A 335 27.48 -30.82 -11.49
CA GLY A 335 26.53 -31.74 -12.10
C GLY A 335 25.80 -32.61 -11.10
N ASN A 336 26.10 -32.43 -9.81
CA ASN A 336 25.43 -33.15 -8.74
C ASN A 336 24.42 -32.27 -8.02
N TYR A 337 23.73 -32.85 -7.03
CA TYR A 337 22.62 -32.20 -6.33
C TYR A 337 21.60 -31.69 -7.36
N ALA A 338 21.26 -32.56 -8.31
CA ALA A 338 20.30 -32.23 -9.36
C ALA A 338 19.03 -31.67 -8.75
N ALA A 339 18.54 -30.58 -9.33
CA ALA A 339 17.43 -29.84 -8.74
C ALA A 339 16.74 -28.95 -9.76
N ILE A 340 15.45 -28.75 -9.55
CA ILE A 340 14.68 -27.77 -10.29
C ILE A 340 14.22 -26.71 -9.30
N MET A 341 14.50 -25.45 -9.62
CA MET A 341 14.02 -24.30 -8.85
C MET A 341 12.78 -23.75 -9.51
N GLY A 342 11.75 -23.48 -8.70
CA GLY A 342 10.53 -22.88 -9.23
C GLY A 342 10.03 -21.81 -8.30
N PHE A 343 9.33 -20.83 -8.87
CA PHE A 343 8.72 -19.76 -8.10
C PHE A 343 7.21 -19.94 -8.08
N ILE A 344 6.62 -19.89 -6.90
CA ILE A 344 5.16 -19.81 -6.77
C ILE A 344 4.85 -18.33 -6.55
N LEU A 345 4.10 -17.75 -7.48
CA LEU A 345 4.03 -16.29 -7.61
C LEU A 345 2.71 -15.66 -7.19
N ALA A 346 2.81 -14.51 -6.53
CA ALA A 346 1.67 -13.60 -6.32
C ALA A 346 0.49 -14.32 -5.66
N HIS A 347 -0.70 -14.30 -6.27
CA HIS A 347 -1.86 -14.93 -5.60
C HIS A 347 -1.68 -16.41 -5.30
N LYS A 348 -0.86 -17.10 -6.09
CA LYS A 348 -0.64 -18.53 -5.86
C LYS A 348 0.20 -18.77 -4.61
N ALA A 349 1.09 -17.84 -4.29
CA ALA A 349 1.87 -17.92 -3.05
C ALA A 349 0.93 -17.83 -1.86
N ARG A 350 -0.04 -16.92 -1.95
CA ARG A 350 -1.10 -16.75 -0.95
C ARG A 350 -1.96 -18.02 -0.84
N LYS A 351 -2.39 -18.55 -1.99
CA LYS A 351 -3.29 -19.70 -2.05
C LYS A 351 -2.63 -20.97 -1.53
N LEU A 352 -1.40 -21.23 -1.98
CA LEU A 352 -0.73 -22.51 -1.71
C LEU A 352 0.05 -22.55 -0.39
N ALA A 353 0.20 -21.40 0.26
CA ALA A 353 0.84 -21.34 1.57
C ALA A 353 0.01 -22.08 2.62
N ARG A 354 -1.29 -22.24 2.34
CA ARG A 354 -2.23 -22.96 3.20
C ARG A 354 -1.94 -24.46 3.30
N LEU A 355 -1.23 -24.99 2.30
CA LEU A 355 -0.88 -26.41 2.25
C LEU A 355 0.33 -26.72 3.13
N THR A 356 0.55 -28.01 3.39
CA THR A 356 1.78 -28.43 4.04
C THR A 356 2.92 -28.45 3.03
N LYS A 357 4.15 -28.48 3.53
CA LYS A 357 5.35 -28.59 2.69
C LYS A 357 5.26 -29.84 1.80
N GLU A 358 4.81 -30.95 2.37
CA GLU A 358 4.66 -32.21 1.66
C GLU A 358 3.62 -32.12 0.54
N GLU A 359 2.52 -31.41 0.82
CA GLU A 359 1.47 -31.19 -0.18
C GLU A 359 1.96 -30.34 -1.35
N ARG A 360 2.73 -29.31 -1.06
CA ARG A 360 3.31 -28.47 -2.11
C ARG A 360 4.29 -29.26 -2.96
N LEU A 361 5.13 -30.07 -2.31
CA LEU A 361 6.08 -30.92 -3.04
C LEU A 361 5.36 -31.82 -4.05
N LYS A 362 4.29 -32.47 -3.58
CA LYS A 362 3.49 -33.33 -4.45
C LYS A 362 2.94 -32.59 -5.67
N LYS A 363 2.39 -31.40 -5.44
CA LYS A 363 1.86 -30.57 -6.53
C LYS A 363 2.93 -30.17 -7.53
N LEU A 364 4.12 -29.85 -7.03
CA LEU A 364 5.23 -29.44 -7.90
C LEU A 364 5.71 -30.60 -8.74
N CYS A 365 5.88 -31.76 -8.11
CA CYS A 365 6.35 -32.95 -8.81
C CYS A 365 5.38 -33.40 -9.90
N GLU A 366 4.11 -33.32 -9.60
CA GLU A 366 3.08 -33.75 -10.55
C GLU A 366 3.05 -32.79 -11.75
N LEU A 367 3.30 -31.52 -11.47
CA LEU A 367 3.34 -30.50 -12.53
C LEU A 367 4.57 -30.73 -13.42
N TYR A 368 5.72 -30.91 -12.77
CA TYR A 368 6.98 -31.12 -13.49
C TYR A 368 6.93 -32.40 -14.35
N ALA A 369 6.25 -33.41 -13.85
CA ALA A 369 6.12 -34.69 -14.56
C ALA A 369 5.41 -34.49 -15.93
N LYS A 370 4.35 -33.68 -15.92
CA LYS A 370 3.55 -33.40 -17.16
C LYS A 370 4.33 -32.52 -18.13
N VAL A 371 4.86 -31.44 -17.58
CA VAL A 371 5.58 -30.47 -18.39
C VAL A 371 6.81 -31.10 -19.04
N LEU A 372 7.53 -31.91 -18.28
CA LEU A 372 8.75 -32.57 -18.78
C LEU A 372 8.42 -33.93 -19.44
N GLY A 373 7.18 -34.35 -19.26
CA GLY A 373 6.70 -35.65 -19.78
C GLY A 373 7.60 -36.77 -19.27
N SER A 374 7.89 -36.71 -17.98
CA SER A 374 8.81 -37.67 -17.34
C SER A 374 8.31 -38.13 -15.96
N LEU A 375 8.19 -39.44 -15.84
CA LEU A 375 7.75 -40.08 -14.59
C LEU A 375 8.82 -39.90 -13.51
N GLU A 376 10.07 -39.68 -13.94
CA GLU A 376 11.18 -39.45 -13.00
C GLU A 376 10.95 -38.24 -12.09
N ALA A 377 10.16 -37.28 -12.55
CA ALA A 377 9.85 -36.08 -11.76
C ALA A 377 9.01 -36.37 -10.53
N LEU A 378 8.38 -37.56 -10.50
CA LEU A 378 7.59 -37.99 -9.35
C LEU A 378 8.42 -38.63 -8.24
N GLU A 379 9.74 -38.68 -8.42
CA GLU A 379 10.61 -39.31 -7.44
C GLU A 379 11.66 -38.34 -6.86
N PRO A 380 11.21 -37.29 -6.17
CA PRO A 380 12.16 -36.34 -5.55
C PRO A 380 12.92 -37.01 -4.44
N VAL A 381 14.16 -36.57 -4.22
CA VAL A 381 14.99 -37.07 -3.12
C VAL A 381 15.04 -36.12 -1.95
N HIS A 382 14.70 -34.86 -2.20
CA HIS A 382 14.73 -33.81 -1.18
C HIS A 382 13.93 -32.59 -1.67
N TYR A 383 13.58 -31.72 -0.74
CA TYR A 383 12.82 -30.52 -1.05
C TYR A 383 13.17 -29.42 -0.06
N GLU A 384 13.42 -28.21 -0.58
CA GLU A 384 13.57 -27.02 0.25
C GLU A 384 12.69 -25.92 -0.30
N GLU A 385 12.16 -25.09 0.58
CA GLU A 385 11.32 -23.97 0.17
C GLU A 385 11.41 -22.83 1.18
N LYS A 386 11.09 -21.62 0.72
CA LYS A 386 10.97 -20.48 1.62
C LYS A 386 9.85 -19.59 1.13
N ASN A 387 8.90 -19.35 2.02
CA ASN A 387 7.81 -18.42 1.79
C ASN A 387 8.23 -17.07 2.37
N TRP A 388 8.50 -16.11 1.50
CA TRP A 388 9.02 -14.83 1.97
C TRP A 388 7.94 -13.90 2.54
N CYS A 389 6.68 -14.24 2.29
CA CYS A 389 5.54 -13.47 2.79
C CYS A 389 5.44 -13.50 4.31
N GLU A 390 6.07 -14.50 4.94
CA GLU A 390 5.96 -14.66 6.39
C GLU A 390 7.02 -13.88 7.18
N GLU A 391 7.94 -13.24 6.46
CA GLU A 391 9.09 -12.59 7.07
C GLU A 391 8.80 -11.19 7.60
N GLN A 392 8.82 -11.04 8.92
CA GLN A 392 8.56 -9.75 9.57
C GLN A 392 9.53 -8.67 9.10
N TYR A 393 10.78 -9.06 8.87
CA TYR A 393 11.82 -8.09 8.54
C TYR A 393 12.20 -8.05 7.06
N SER A 394 11.36 -8.64 6.22
CA SER A 394 11.41 -8.45 4.77
C SER A 394 10.12 -7.86 4.23
N GLY A 395 8.98 -8.45 4.61
CA GLY A 395 7.67 -8.03 4.16
C GLY A 395 7.20 -8.70 2.88
N GLY A 396 8.10 -9.45 2.25
CA GLY A 396 7.84 -10.13 0.99
C GLY A 396 9.11 -10.23 0.17
N CYS A 397 8.96 -10.62 -1.09
CA CYS A 397 10.04 -10.69 -2.06
C CYS A 397 9.41 -10.64 -3.45
N TYR A 398 10.17 -10.28 -4.50
CA TYR A 398 11.59 -9.92 -4.40
C TYR A 398 11.79 -8.52 -3.88
N THR A 399 10.84 -7.64 -4.19
CA THR A 399 11.03 -6.23 -3.92
C THR A 399 9.71 -5.51 -3.77
N THR A 400 9.82 -4.20 -3.58
CA THR A 400 8.69 -3.30 -3.39
C THR A 400 8.05 -3.00 -4.74
N TYR A 401 6.73 -3.08 -4.80
CA TYR A 401 6.01 -2.63 -5.98
C TYR A 401 5.19 -1.38 -5.67
N PHE A 402 4.89 -0.61 -6.71
CA PHE A 402 4.08 0.60 -6.54
C PHE A 402 2.71 0.40 -7.17
N PRO A 403 1.66 0.49 -6.35
CA PRO A 403 0.27 0.49 -6.86
C PRO A 403 -0.01 1.76 -7.68
N PRO A 404 -1.08 1.76 -8.47
CA PRO A 404 -1.39 2.93 -9.31
C PRO A 404 -1.44 4.21 -8.50
N GLY A 405 -0.79 5.25 -9.03
CA GLY A 405 -0.88 6.59 -8.49
C GLY A 405 0.20 6.99 -7.52
N ILE A 406 1.01 6.01 -7.07
CA ILE A 406 1.93 6.25 -5.96
C ILE A 406 3.27 6.81 -6.42
N LEU A 407 3.80 6.27 -7.49
CA LEU A 407 5.12 6.67 -7.96
C LEU A 407 5.21 8.15 -8.34
N THR A 408 4.18 8.68 -8.99
CA THR A 408 4.19 10.10 -9.35
C THR A 408 3.96 11.01 -8.15
N GLN A 409 3.20 10.53 -7.17
CA GLN A 409 2.88 11.37 -6.03
C GLN A 409 3.95 11.34 -4.95
N TYR A 410 4.60 10.18 -4.78
CA TYR A 410 5.51 9.95 -3.66
C TYR A 410 6.91 9.51 -4.07
N GLY A 411 7.10 9.20 -5.34
CA GLY A 411 8.36 8.64 -5.82
C GLY A 411 9.60 9.48 -5.50
N ARG A 412 9.47 10.79 -5.58
CA ARG A 412 10.63 11.67 -5.37
C ARG A 412 11.15 11.66 -3.91
N VAL A 413 10.33 11.14 -3.00
CA VAL A 413 10.68 11.03 -1.57
C VAL A 413 11.59 9.84 -1.26
N LEU A 414 11.60 8.84 -2.15
CA LEU A 414 12.22 7.55 -1.85
C LEU A 414 13.63 7.65 -1.26
N ARG A 415 14.50 8.44 -1.90
CA ARG A 415 15.86 8.56 -1.41
C ARG A 415 16.26 9.99 -1.00
N GLN A 416 15.24 10.82 -0.75
CA GLN A 416 15.45 12.15 -0.18
C GLN A 416 15.87 12.01 1.31
N PRO A 417 17.02 12.56 1.67
CA PRO A 417 17.47 12.50 3.07
C PRO A 417 16.47 13.18 4.00
N VAL A 418 16.34 12.64 5.21
CA VAL A 418 15.54 13.27 6.24
C VAL A 418 16.51 13.69 7.33
N ASP A 419 16.90 14.97 7.27
CA ASP A 419 17.92 15.54 8.16
C ASP A 419 19.24 14.76 8.01
N ARG A 420 19.55 13.90 8.98
CA ARG A 420 20.79 13.12 8.95
C ARG A 420 20.58 11.64 8.63
N ILE A 421 19.36 11.28 8.22
CA ILE A 421 19.06 9.93 7.74
C ILE A 421 19.13 9.89 6.23
N TYR A 422 19.95 8.97 5.72
CA TYR A 422 20.09 8.76 4.28
C TYR A 422 19.51 7.40 3.94
N PHE A 423 19.08 7.21 2.70
CA PHE A 423 18.31 6.02 2.37
C PHE A 423 18.98 5.13 1.34
N ALA A 424 19.23 3.88 1.75
CA ALA A 424 19.79 2.88 0.86
C ALA A 424 18.71 1.86 0.59
N GLY A 425 19.10 0.62 0.33
CA GLY A 425 18.15 -0.42 0.00
C GLY A 425 17.91 -0.45 -1.49
N THR A 426 17.76 -1.65 -2.02
CA THR A 426 17.64 -1.83 -3.47
C THR A 426 16.53 -1.01 -4.13
N GLU A 427 15.48 -0.72 -3.36
CA GLU A 427 14.36 0.08 -3.85
C GLU A 427 14.75 1.48 -4.30
N THR A 428 15.88 2.00 -3.79
CA THR A 428 16.35 3.35 -4.11
C THR A 428 17.38 3.39 -5.24
N ALA A 429 17.70 2.23 -5.79
CA ALA A 429 18.63 2.15 -6.93
C ALA A 429 18.02 2.65 -8.23
N THR A 430 18.88 2.99 -9.20
CA THR A 430 18.43 3.45 -10.51
C THR A 430 18.80 2.49 -11.63
N HIS A 431 19.51 1.42 -11.28
CA HIS A 431 19.92 0.39 -12.22
C HIS A 431 19.83 -0.94 -11.49
N TRP A 432 18.98 -1.83 -12.00
CA TRP A 432 18.65 -3.09 -11.34
C TRP A 432 18.13 -2.91 -9.91
N SER A 433 17.37 -1.85 -9.70
CA SER A 433 16.56 -1.75 -8.48
C SER A 433 15.70 -3.01 -8.37
N GLY A 434 15.62 -3.57 -7.16
CA GLY A 434 14.91 -4.81 -6.93
C GLY A 434 15.82 -6.00 -6.78
N TYR A 435 17.06 -5.84 -7.26
CA TYR A 435 18.05 -6.91 -7.31
C TYR A 435 19.19 -6.66 -6.35
N MET A 436 20.02 -7.67 -6.17
CA MET A 436 21.26 -7.54 -5.40
C MET A 436 22.13 -6.43 -5.96
N GLU A 437 22.21 -6.33 -7.29
CA GLU A 437 22.93 -5.23 -7.95
C GLU A 437 22.46 -3.85 -7.45
N GLY A 438 21.14 -3.64 -7.46
CA GLY A 438 20.57 -2.39 -6.97
C GLY A 438 20.89 -2.13 -5.50
N ALA A 439 20.92 -3.20 -4.70
CA ALA A 439 21.28 -3.08 -3.29
C ALA A 439 22.68 -2.47 -3.15
N VAL A 440 23.63 -2.97 -3.95
CA VAL A 440 25.00 -2.44 -3.91
C VAL A 440 25.06 -0.99 -4.35
N GLU A 441 24.40 -0.68 -5.47
CA GLU A 441 24.37 0.69 -5.97
C GLU A 441 23.86 1.66 -4.91
N ALA A 442 22.76 1.28 -4.27
CA ALA A 442 22.11 2.15 -3.30
C ALA A 442 22.92 2.32 -2.02
N GLY A 443 23.51 1.23 -1.52
CA GLY A 443 24.27 1.26 -0.29
C GLY A 443 25.49 2.16 -0.44
N GLU A 444 26.18 2.00 -1.57
CA GLU A 444 27.40 2.77 -1.82
C GLU A 444 27.09 4.23 -2.11
N ARG A 445 25.99 4.48 -2.81
CA ARG A 445 25.54 5.84 -3.08
C ARG A 445 25.14 6.57 -1.79
N ALA A 446 24.39 5.90 -0.91
CA ALA A 446 24.01 6.48 0.38
C ALA A 446 25.24 6.77 1.24
N ALA A 447 26.19 5.83 1.25
CA ALA A 447 27.45 6.03 1.95
C ALA A 447 28.19 7.28 1.46
N ARG A 448 28.24 7.45 0.14
CA ARG A 448 28.93 8.59 -0.45
C ARG A 448 28.21 9.91 -0.20
N GLU A 449 26.88 9.86 -0.09
CA GLU A 449 26.11 11.04 0.32
C GLU A 449 26.58 11.53 1.70
N ILE A 450 26.83 10.60 2.60
CA ILE A 450 27.35 10.93 3.94
C ILE A 450 28.78 11.46 3.86
N LEU A 451 29.63 10.81 3.08
CA LEU A 451 31.00 11.29 2.87
C LEU A 451 31.01 12.71 2.32
N HIS A 452 30.06 13.02 1.43
CA HIS A 452 29.92 14.38 0.91
C HIS A 452 29.45 15.36 1.99
N ALA A 453 28.47 14.91 2.79
CA ALA A 453 27.96 15.72 3.90
C ALA A 453 29.05 16.05 4.91
N MET A 454 30.01 15.15 5.05
CA MET A 454 31.16 15.36 5.95
C MET A 454 32.28 16.17 5.30
N GLY A 455 32.10 16.51 4.02
CA GLY A 455 33.09 17.27 3.27
C GLY A 455 34.30 16.46 2.83
N LYS A 456 34.16 15.14 2.80
CA LYS A 456 35.27 14.24 2.47
C LYS A 456 35.42 13.99 0.98
N ILE A 457 34.31 14.11 0.24
CA ILE A 457 34.32 13.98 -1.22
C ILE A 457 33.48 15.08 -1.86
N PRO A 458 33.77 15.45 -3.11
CA PRO A 458 32.95 16.42 -3.84
C PRO A 458 31.59 15.85 -4.25
N GLU A 459 30.64 16.74 -4.53
CA GLU A 459 29.29 16.35 -4.96
C GLU A 459 29.31 15.45 -6.18
N ASP A 460 30.28 15.70 -7.07
CA ASP A 460 30.49 14.95 -8.30
C ASP A 460 30.70 13.45 -8.09
N GLU A 461 31.10 13.07 -6.88
CA GLU A 461 31.51 11.69 -6.59
C GLU A 461 30.45 10.87 -5.87
N ILE A 462 29.29 11.47 -5.59
CA ILE A 462 28.20 10.75 -4.91
C ILE A 462 27.70 9.59 -5.78
N TRP A 463 27.44 9.89 -7.05
CA TRP A 463 27.04 8.88 -8.02
C TRP A 463 28.25 8.46 -8.83
N GLN A 464 28.58 7.18 -8.75
CA GLN A 464 29.79 6.65 -9.37
C GLN A 464 29.46 5.59 -10.41
N SER A 465 30.05 5.72 -11.59
CA SER A 465 29.94 4.72 -12.64
C SER A 465 30.73 3.47 -12.25
N GLU A 466 30.37 2.34 -12.85
CA GLU A 466 31.02 1.06 -12.56
C GLU A 466 31.61 0.47 -13.83
N PRO A 467 32.91 0.12 -13.81
CA PRO A 467 33.53 -0.56 -14.95
C PRO A 467 32.87 -1.90 -15.23
N GLU A 468 32.79 -2.29 -16.50
CA GLU A 468 32.19 -3.57 -16.88
C GLU A 468 33.04 -4.71 -16.35
N SER A 469 32.36 -5.74 -15.85
CA SER A 469 33.00 -6.98 -15.41
C SER A 469 33.76 -7.63 -16.56
N VAL A 470 34.96 -8.10 -16.27
CA VAL A 470 35.76 -8.84 -17.26
C VAL A 470 35.31 -10.30 -17.34
N ASP A 471 34.77 -10.80 -16.23
CA ASP A 471 34.34 -12.20 -16.11
C ASP A 471 32.97 -12.41 -16.73
N VAL A 472 32.12 -11.37 -16.67
CA VAL A 472 30.74 -11.47 -17.15
C VAL A 472 30.46 -10.34 -18.15
N PRO A 473 30.95 -10.48 -19.38
CA PRO A 473 30.77 -9.44 -20.40
C PRO A 473 29.32 -9.38 -20.88
N ALA A 474 28.88 -8.18 -21.26
CA ALA A 474 27.52 -7.97 -21.71
C ALA A 474 27.47 -7.82 -23.23
N GLN A 475 26.72 -8.70 -23.87
CA GLN A 475 26.46 -8.55 -25.29
C GLN A 475 25.32 -7.53 -25.43
N PRO A 476 25.39 -6.68 -26.44
CA PRO A 476 24.35 -5.66 -26.65
C PRO A 476 23.02 -6.32 -27.01
N ILE A 477 21.92 -5.66 -26.65
CA ILE A 477 20.60 -6.13 -27.03
C ILE A 477 20.29 -5.66 -28.44
N THR A 478 20.04 -6.59 -29.35
CA THR A 478 19.76 -6.28 -30.75
C THR A 478 18.33 -6.66 -31.11
N THR A 479 17.80 -6.00 -32.14
CA THR A 479 16.52 -6.35 -32.74
C THR A 479 16.70 -6.58 -34.24
N THR A 480 15.78 -7.32 -34.85
CA THR A 480 15.80 -7.50 -36.30
C THR A 480 15.00 -6.39 -36.97
N PHE A 481 15.26 -6.18 -38.26
CA PHE A 481 14.51 -5.21 -39.07
C PHE A 481 13.00 -5.44 -38.98
N LEU A 482 12.60 -6.72 -39.06
CA LEU A 482 11.19 -7.09 -39.00
C LEU A 482 10.59 -6.82 -37.63
N GLU A 483 11.33 -7.13 -36.57
CA GLU A 483 10.87 -6.85 -35.20
C GLU A 483 10.59 -5.35 -35.01
N ARG A 484 11.44 -4.52 -35.61
CA ARG A 484 11.31 -3.07 -35.50
C ARG A 484 10.13 -2.49 -36.30
N HIS A 485 9.88 -3.04 -37.48
CA HIS A 485 8.95 -2.41 -38.42
C HIS A 485 7.65 -3.15 -38.73
N LEU A 486 7.52 -4.40 -38.30
CA LEU A 486 6.27 -5.12 -38.46
C LEU A 486 5.15 -4.38 -37.74
N PRO A 487 3.97 -4.28 -38.36
CA PRO A 487 2.85 -3.54 -37.76
C PRO A 487 2.26 -4.27 -36.56
N SER A 488 1.63 -3.50 -35.67
CA SER A 488 0.78 -4.06 -34.63
C SER A 488 -0.48 -4.61 -35.29
N VAL A 489 -1.35 -5.26 -34.51
CA VAL A 489 -2.63 -5.72 -35.03
C VAL A 489 -3.50 -4.55 -35.52
N PRO A 490 -3.74 -3.52 -34.69
CA PRO A 490 -4.47 -2.33 -35.14
C PRO A 490 -3.76 -1.59 -36.28
N GLY A 491 -2.43 -1.70 -36.32
CA GLY A 491 -1.64 -1.13 -37.41
C GLY A 491 -1.89 -1.83 -38.73
N LEU A 492 -2.00 -3.16 -38.69
CA LEU A 492 -2.33 -3.96 -39.86
C LEU A 492 -3.76 -3.71 -40.33
N LEU A 493 -4.68 -3.54 -39.38
CA LEU A 493 -6.08 -3.26 -39.67
C LEU A 493 -6.28 -1.88 -40.29
N ARG A 494 -5.44 -0.92 -39.88
CA ARG A 494 -5.44 0.42 -40.46
C ARG A 494 -4.88 0.41 -41.88
N LEU A 495 -3.94 -0.51 -42.13
CA LEU A 495 -3.38 -0.71 -43.47
C LEU A 495 -4.39 -1.37 -44.40
N ILE A 496 -5.25 -2.22 -43.84
CA ILE A 496 -6.35 -2.84 -44.58
C ILE A 496 -7.46 -1.82 -44.84
N GLY A 497 -7.73 -0.97 -43.85
CA GLY A 497 -8.72 0.08 -43.97
C GLY A 497 -8.40 1.12 -45.04
N LEU A 498 -7.10 1.34 -45.28
CA LEU A 498 -6.65 2.29 -46.29
C LEU A 498 -6.73 1.73 -47.71
N THR A 499 -6.56 0.41 -47.83
CA THR A 499 -6.68 -0.29 -49.11
C THR A 499 -8.15 -0.40 -49.57
N THR A 500 -9.08 -0.25 -48.63
CA THR A 500 -10.51 -0.25 -48.92
C THR A 500 -10.97 1.01 -49.65
N ILE A 501 -10.11 2.04 -49.68
CA ILE A 501 -10.40 3.29 -50.35
C ILE A 501 -9.57 3.47 -51.63
N ASN B 3 1.39 -2.12 35.25
CA ASN B 3 2.00 -3.47 35.05
C ASN B 3 0.97 -4.54 34.66
N LYS B 4 0.25 -5.10 35.63
CA LYS B 4 -0.64 -6.24 35.37
C LYS B 4 -2.12 -5.85 35.31
N CYS B 5 -2.79 -6.35 34.27
CA CYS B 5 -4.23 -6.12 34.09
C CYS B 5 -4.88 -7.28 33.33
N ASP B 6 -6.19 -7.18 33.08
CA ASP B 6 -6.91 -8.18 32.29
C ASP B 6 -6.71 -7.93 30.79
N VAL B 7 -6.93 -6.69 30.36
CA VAL B 7 -6.83 -6.35 28.94
C VAL B 7 -6.03 -5.06 28.73
N VAL B 8 -5.06 -5.11 27.83
CA VAL B 8 -4.41 -3.91 27.34
C VAL B 8 -5.09 -3.51 26.04
N VAL B 9 -5.53 -2.26 25.96
CA VAL B 9 -6.06 -1.70 24.73
C VAL B 9 -4.99 -0.78 24.16
N VAL B 10 -4.58 -1.07 22.93
CA VAL B 10 -3.58 -0.24 22.26
C VAL B 10 -4.33 0.77 21.41
N GLY B 11 -4.20 2.04 21.77
CA GLY B 11 -4.87 3.12 21.07
C GLY B 11 -6.03 3.71 21.84
N GLY B 12 -6.00 5.02 22.05
CA GLY B 12 -7.04 5.73 22.77
C GLY B 12 -7.84 6.66 21.90
N GLY B 13 -8.11 6.23 20.67
CA GLY B 13 -9.14 6.87 19.83
C GLY B 13 -10.50 6.39 20.28
N ILE B 14 -11.55 6.75 19.54
CA ILE B 14 -12.91 6.33 19.92
C ILE B 14 -13.06 4.82 20.03
N SER B 15 -12.44 4.07 19.12
CA SER B 15 -12.58 2.61 19.16
C SER B 15 -11.96 2.01 20.42
N GLY B 16 -10.73 2.40 20.73
CA GLY B 16 -10.04 1.91 21.91
C GLY B 16 -10.74 2.31 23.19
N MET B 17 -11.20 3.56 23.24
CA MET B 17 -11.92 4.07 24.41
C MET B 17 -13.24 3.35 24.60
N ALA B 18 -13.97 3.14 23.51
CA ALA B 18 -15.25 2.42 23.59
C ALA B 18 -15.05 0.98 24.08
N ALA B 19 -14.00 0.33 23.58
CA ALA B 19 -13.66 -1.02 24.03
C ALA B 19 -13.29 -1.02 25.51
N ALA B 20 -12.44 -0.09 25.91
CA ALA B 20 -12.01 -0.02 27.31
C ALA B 20 -13.17 0.27 28.24
N LYS B 21 -14.07 1.17 27.83
CA LYS B 21 -15.24 1.48 28.63
C LYS B 21 -16.12 0.24 28.85
N LEU B 22 -16.39 -0.51 27.78
CA LEU B 22 -17.22 -1.71 27.87
C LEU B 22 -16.59 -2.74 28.83
N LEU B 23 -15.28 -2.96 28.69
CA LEU B 23 -14.59 -3.93 29.52
C LEU B 23 -14.52 -3.48 30.98
N HIS B 24 -14.26 -2.18 31.18
CA HIS B 24 -14.27 -1.58 32.51
C HIS B 24 -15.64 -1.72 33.18
N ASP B 25 -16.69 -1.44 32.41
CA ASP B 25 -18.07 -1.55 32.90
C ASP B 25 -18.46 -3.00 33.21
N SER B 26 -17.78 -3.95 32.57
CA SER B 26 -18.03 -5.38 32.78
C SER B 26 -17.23 -5.94 33.98
N GLY B 27 -16.39 -5.11 34.57
CA GLY B 27 -15.67 -5.48 35.78
C GLY B 27 -14.23 -5.89 35.58
N LEU B 28 -13.73 -5.76 34.37
CA LEU B 28 -12.35 -6.13 34.07
C LEU B 28 -11.40 -4.98 34.32
N ASN B 29 -10.15 -5.31 34.67
CA ASN B 29 -9.11 -4.31 34.82
C ASN B 29 -8.48 -4.02 33.46
N VAL B 30 -8.66 -2.78 32.98
CA VAL B 30 -8.17 -2.41 31.66
C VAL B 30 -7.14 -1.29 31.73
N VAL B 31 -6.21 -1.32 30.78
CA VAL B 31 -5.25 -0.24 30.61
C VAL B 31 -5.31 0.17 29.15
N VAL B 32 -5.31 1.47 28.90
CA VAL B 32 -5.26 2.00 27.54
C VAL B 32 -3.89 2.62 27.33
N LEU B 33 -3.16 2.12 26.33
CA LEU B 33 -1.85 2.67 26.02
C LEU B 33 -1.99 3.52 24.78
N GLU B 34 -1.77 4.83 24.95
CA GLU B 34 -1.95 5.80 23.87
C GLU B 34 -0.62 6.47 23.51
N ALA B 35 -0.27 6.45 22.22
CA ALA B 35 0.99 6.99 21.75
C ALA B 35 1.15 8.50 21.93
N ARG B 36 0.07 9.25 21.72
CA ARG B 36 0.11 10.70 21.78
C ARG B 36 -0.04 11.23 23.20
N ASP B 37 0.16 12.54 23.36
CA ASP B 37 -0.09 13.23 24.62
C ASP B 37 -1.57 13.61 24.81
N ARG B 38 -2.42 12.99 23.99
CA ARG B 38 -3.86 13.23 24.04
C ARG B 38 -4.60 11.98 23.59
N VAL B 39 -5.87 11.88 23.96
CA VAL B 39 -6.75 10.86 23.41
C VAL B 39 -7.51 11.45 22.21
N GLY B 40 -8.24 10.59 21.50
CA GLY B 40 -9.09 11.06 20.42
C GLY B 40 -8.67 10.60 19.04
N GLY B 41 -7.36 10.44 18.85
CA GLY B 41 -6.82 9.97 17.58
C GLY B 41 -7.21 10.83 16.39
N ARG B 42 -8.03 10.26 15.50
CA ARG B 42 -8.47 10.98 14.30
C ARG B 42 -9.60 11.98 14.58
N THR B 43 -10.05 12.03 15.83
CA THR B 43 -10.82 13.18 16.29
C THR B 43 -9.91 14.05 17.13
N TYR B 44 -10.08 15.36 16.96
CA TYR B 44 -9.31 16.34 17.70
C TYR B 44 -10.11 17.63 17.74
N THR B 45 -10.46 18.08 18.94
CA THR B 45 -11.17 19.35 19.11
C THR B 45 -10.22 20.36 19.70
N LEU B 46 -9.96 21.42 18.93
CA LEU B 46 -9.11 22.51 19.38
C LEU B 46 -9.98 23.56 20.07
N ARG B 47 -9.51 24.07 21.21
CA ARG B 47 -10.20 25.15 21.89
C ARG B 47 -9.31 26.37 21.99
N ASN B 48 -9.85 27.52 21.58
CA ASN B 48 -9.21 28.80 21.83
C ASN B 48 -10.25 29.89 21.78
N GLN B 49 -9.82 31.09 22.12
CA GLN B 49 -10.72 32.22 22.21
C GLN B 49 -11.40 32.58 20.89
N LYS B 50 -10.66 32.42 19.80
CA LYS B 50 -11.13 32.86 18.49
C LYS B 50 -12.22 31.97 17.91
N VAL B 51 -12.17 30.68 18.26
CA VAL B 51 -13.08 29.69 17.67
C VAL B 51 -14.05 29.10 18.67
N LYS B 52 -13.78 29.33 19.96
CA LYS B 52 -14.39 28.60 21.08
C LYS B 52 -13.97 27.13 21.06
N TYR B 53 -14.55 26.35 20.14
CA TYR B 53 -14.08 24.99 19.87
C TYR B 53 -14.21 24.72 18.38
N VAL B 54 -13.35 23.86 17.86
CA VAL B 54 -13.47 23.43 16.47
C VAL B 54 -12.94 22.02 16.28
N ASP B 55 -13.72 21.18 15.59
CA ASP B 55 -13.27 19.85 15.21
C ASP B 55 -12.32 19.94 14.04
N LEU B 56 -11.10 19.45 14.24
CA LEU B 56 -10.10 19.43 13.18
C LEU B 56 -10.00 18.05 12.55
N GLY B 57 -10.64 17.06 13.18
CA GLY B 57 -10.73 15.71 12.65
C GLY B 57 -12.17 15.31 12.42
N GLY B 58 -12.51 14.06 12.74
CA GLY B 58 -13.87 13.58 12.62
C GLY B 58 -14.86 14.48 13.35
N SER B 59 -16.00 14.76 12.72
CA SER B 59 -16.94 15.74 13.28
C SER B 59 -18.41 15.40 13.07
N TYR B 60 -18.74 14.96 11.86
CA TYR B 60 -20.13 14.78 11.48
C TYR B 60 -20.69 13.47 11.94
N VAL B 61 -21.92 13.51 12.44
CA VAL B 61 -22.69 12.31 12.74
C VAL B 61 -24.10 12.49 12.17
N GLY B 62 -24.82 11.41 11.98
CA GLY B 62 -26.14 11.52 11.42
C GLY B 62 -26.97 10.30 11.63
N PRO B 63 -28.20 10.32 11.10
CA PRO B 63 -29.12 9.19 11.22
C PRO B 63 -28.51 7.87 10.77
N THR B 64 -28.88 6.80 11.49
CA THR B 64 -28.38 5.43 11.37
C THR B 64 -27.04 5.17 12.06
N GLN B 65 -26.39 6.22 12.56
CA GLN B 65 -25.17 6.05 13.31
C GLN B 65 -25.50 5.98 14.80
N ASN B 66 -26.21 4.92 15.17
CA ASN B 66 -26.83 4.86 16.48
C ASN B 66 -25.87 4.57 17.64
N ARG B 67 -24.76 3.90 17.35
CA ARG B 67 -23.79 3.58 18.40
C ARG B 67 -23.04 4.80 18.92
N ILE B 68 -22.53 5.63 18.01
CA ILE B 68 -21.83 6.85 18.44
C ILE B 68 -22.80 7.82 19.11
N LEU B 69 -24.03 7.87 18.61
CA LEU B 69 -25.05 8.71 19.21
C LEU B 69 -25.40 8.27 20.63
N ARG B 70 -25.50 6.96 20.83
CA ARG B 70 -25.81 6.39 22.15
C ARG B 70 -24.64 6.60 23.13
N LEU B 71 -23.43 6.30 22.67
CA LEU B 71 -22.24 6.50 23.49
C LEU B 71 -22.08 7.96 23.89
N ALA B 72 -22.23 8.86 22.94
CA ALA B 72 -22.11 10.29 23.21
C ALA B 72 -23.17 10.77 24.20
N LYS B 73 -24.41 10.30 24.02
CA LYS B 73 -25.51 10.69 24.91
C LYS B 73 -25.21 10.26 26.34
N GLU B 74 -24.73 9.02 26.49
CA GLU B 74 -24.40 8.49 27.82
C GLU B 74 -23.31 9.32 28.51
N LEU B 75 -22.41 9.88 27.71
CA LEU B 75 -21.34 10.72 28.21
C LEU B 75 -21.77 12.16 28.45
N GLY B 76 -23.04 12.47 28.13
CA GLY B 76 -23.61 13.77 28.41
C GLY B 76 -23.48 14.79 27.28
N LEU B 77 -23.20 14.29 26.08
CA LEU B 77 -23.06 15.15 24.91
C LEU B 77 -24.39 15.33 24.16
N GLU B 78 -24.52 16.44 23.45
CA GLU B 78 -25.70 16.72 22.63
C GLU B 78 -25.23 17.04 21.23
N THR B 79 -26.13 16.87 20.25
CA THR B 79 -25.82 17.28 18.88
C THR B 79 -26.58 18.54 18.50
N TYR B 80 -26.15 19.16 17.40
CA TYR B 80 -26.91 20.22 16.76
C TYR B 80 -26.86 19.97 15.26
N LYS B 81 -27.79 20.58 14.54
CA LYS B 81 -27.90 20.35 13.10
C LYS B 81 -27.00 21.28 12.31
N VAL B 82 -26.25 20.70 11.37
CA VAL B 82 -25.46 21.45 10.40
C VAL B 82 -26.42 22.28 9.55
N ASN B 83 -26.05 23.54 9.28
CA ASN B 83 -26.92 24.42 8.52
C ASN B 83 -27.15 23.98 7.08
N GLU B 84 -28.41 23.69 6.75
CA GLU B 84 -28.80 23.40 5.37
C GLU B 84 -30.17 24.02 5.04
N VAL B 85 -30.45 25.15 5.69
CA VAL B 85 -31.71 25.87 5.49
C VAL B 85 -31.78 26.46 4.09
N GLU B 86 -30.73 27.16 3.68
CA GLU B 86 -30.72 27.90 2.42
C GLU B 86 -30.18 27.02 1.27
N ARG B 87 -29.92 27.62 0.12
CA ARG B 87 -29.56 26.83 -1.05
C ARG B 87 -28.13 26.34 -1.01
N LEU B 88 -27.93 25.15 -1.57
CA LEU B 88 -26.61 24.61 -1.82
C LEU B 88 -26.10 25.20 -3.13
N ILE B 89 -24.79 25.09 -3.36
CA ILE B 89 -24.21 25.58 -4.61
C ILE B 89 -23.43 24.48 -5.30
N HIS B 90 -23.66 24.32 -6.60
CA HIS B 90 -22.78 23.51 -7.42
C HIS B 90 -22.04 24.47 -8.33
N HIS B 91 -20.72 24.52 -8.18
CA HIS B 91 -19.87 25.38 -8.98
C HIS B 91 -19.15 24.51 -10.01
N VAL B 92 -19.48 24.69 -11.27
CA VAL B 92 -18.88 23.89 -12.33
C VAL B 92 -18.52 24.79 -13.50
N LYS B 93 -17.35 24.55 -14.08
CA LYS B 93 -16.80 25.36 -15.17
C LYS B 93 -16.88 26.87 -14.87
N GLY B 94 -16.49 27.22 -13.64
CA GLY B 94 -16.36 28.60 -13.23
C GLY B 94 -17.63 29.37 -12.95
N LYS B 95 -18.76 28.66 -12.82
CA LYS B 95 -20.04 29.30 -12.58
C LYS B 95 -20.82 28.61 -11.45
N SER B 96 -21.50 29.39 -10.61
CA SER B 96 -22.25 28.83 -9.49
C SER B 96 -23.72 28.61 -9.83
N TYR B 97 -24.21 27.42 -9.50
CA TYR B 97 -25.60 27.06 -9.75
C TYR B 97 -26.27 26.65 -8.44
N PRO B 98 -27.05 27.55 -7.84
CA PRO B 98 -27.73 27.23 -6.58
C PRO B 98 -28.81 26.17 -6.76
N PHE B 99 -28.99 25.34 -5.74
CA PHE B 99 -30.01 24.29 -5.80
C PHE B 99 -30.48 23.89 -4.41
N ARG B 100 -31.57 23.14 -4.38
CA ARG B 100 -32.12 22.59 -3.14
C ARG B 100 -32.13 21.07 -3.24
N GLY B 101 -32.15 20.41 -2.08
CA GLY B 101 -32.11 18.96 -2.03
C GLY B 101 -30.68 18.48 -2.02
N PRO B 102 -30.48 17.17 -1.85
CA PRO B 102 -29.14 16.58 -1.74
C PRO B 102 -28.38 16.48 -3.07
N PHE B 103 -29.10 16.52 -4.19
CA PHE B 103 -28.51 16.28 -5.50
C PHE B 103 -28.45 17.55 -6.35
N PRO B 104 -27.27 17.89 -6.87
CA PRO B 104 -27.15 18.99 -7.83
C PRO B 104 -27.83 18.62 -9.14
N PRO B 105 -28.74 19.47 -9.64
CA PRO B 105 -29.53 19.16 -10.83
C PRO B 105 -28.71 19.08 -12.10
N VAL B 106 -29.20 18.25 -13.02
CA VAL B 106 -28.62 18.08 -14.35
C VAL B 106 -29.74 18.40 -15.33
N TRP B 107 -29.44 19.24 -16.32
CA TRP B 107 -30.48 19.70 -17.24
C TRP B 107 -30.42 19.09 -18.64
N ASN B 108 -29.22 18.86 -19.15
CA ASN B 108 -29.05 18.15 -20.42
C ASN B 108 -29.63 16.73 -20.29
N PRO B 109 -30.52 16.35 -21.20
CA PRO B 109 -31.31 15.10 -21.07
C PRO B 109 -30.46 13.83 -21.07
N ILE B 110 -29.46 13.82 -21.93
CA ILE B 110 -28.55 12.70 -22.02
C ILE B 110 -27.70 12.61 -20.76
N THR B 111 -27.24 13.78 -20.30
CA THR B 111 -26.48 13.90 -19.07
C THR B 111 -27.31 13.44 -17.87
N TYR B 112 -28.59 13.80 -17.84
CA TYR B 112 -29.51 13.35 -16.80
C TYR B 112 -29.56 11.82 -16.71
N LEU B 113 -29.73 11.17 -17.86
CA LEU B 113 -29.78 9.71 -17.91
C LEU B 113 -28.48 9.07 -17.41
N ASP B 114 -27.36 9.67 -17.82
CA ASP B 114 -26.03 9.20 -17.43
C ASP B 114 -25.77 9.35 -15.93
N HIS B 115 -26.08 10.53 -15.39
CA HIS B 115 -25.98 10.80 -13.95
C HIS B 115 -26.84 9.83 -13.17
N ASN B 116 -28.12 9.73 -13.56
CA ASN B 116 -29.06 8.87 -12.88
C ASN B 116 -28.56 7.43 -12.86
N ASN B 117 -28.07 6.96 -14.01
CA ASN B 117 -27.63 5.59 -14.11
C ASN B 117 -26.42 5.31 -13.24
N PHE B 118 -25.50 6.27 -13.19
CA PHE B 118 -24.30 6.10 -12.38
C PHE B 118 -24.62 5.82 -10.91
N TRP B 119 -25.40 6.71 -10.29
CA TRP B 119 -25.72 6.59 -8.87
C TRP B 119 -26.52 5.32 -8.62
N ARG B 120 -27.48 5.06 -9.51
CA ARG B 120 -28.32 3.87 -9.41
C ARG B 120 -27.46 2.61 -9.47
N THR B 121 -26.52 2.57 -10.42
CA THR B 121 -25.65 1.41 -10.59
C THR B 121 -24.73 1.18 -9.39
N MET B 122 -24.23 2.27 -8.80
CA MET B 122 -23.43 2.19 -7.57
C MET B 122 -24.18 1.43 -6.48
N ASP B 123 -25.44 1.79 -6.28
CA ASP B 123 -26.25 1.16 -5.26
C ASP B 123 -26.65 -0.26 -5.68
N ASP B 124 -26.92 -0.47 -6.97
CA ASP B 124 -27.24 -1.80 -7.51
C ASP B 124 -26.10 -2.78 -7.23
N MET B 125 -24.88 -2.34 -7.52
CA MET B 125 -23.70 -3.16 -7.32
C MET B 125 -23.49 -3.42 -5.83
N GLY B 126 -23.72 -2.38 -5.02
CA GLY B 126 -23.61 -2.50 -3.58
C GLY B 126 -24.50 -3.58 -2.97
N ARG B 127 -25.69 -3.77 -3.55
CA ARG B 127 -26.64 -4.76 -3.05
C ARG B 127 -26.13 -6.19 -3.14
N GLU B 128 -25.14 -6.41 -4.01
CA GLU B 128 -24.52 -7.73 -4.14
C GLU B 128 -23.30 -7.92 -3.24
N ILE B 129 -22.99 -6.91 -2.43
CA ILE B 129 -21.78 -6.95 -1.59
C ILE B 129 -22.16 -7.08 -0.11
N PRO B 130 -21.89 -8.24 0.50
CA PRO B 130 -22.15 -8.41 1.93
C PRO B 130 -21.32 -7.44 2.78
N SER B 131 -21.99 -6.73 3.69
CA SER B 131 -21.29 -5.75 4.53
C SER B 131 -20.18 -6.37 5.39
N ASP B 132 -20.43 -7.59 5.88
CA ASP B 132 -19.48 -8.27 6.75
C ASP B 132 -18.47 -9.15 6.03
N ALA B 133 -18.59 -9.21 4.69
CA ALA B 133 -17.70 -10.03 3.88
C ALA B 133 -17.76 -9.61 2.41
N PRO B 134 -17.24 -8.43 2.09
CA PRO B 134 -17.26 -7.94 0.70
C PRO B 134 -16.58 -8.89 -0.30
N TRP B 135 -15.61 -9.67 0.18
CA TRP B 135 -14.91 -10.63 -0.68
C TRP B 135 -15.81 -11.79 -1.11
N LYS B 136 -17.02 -11.85 -0.55
CA LYS B 136 -18.00 -12.87 -0.92
C LYS B 136 -19.00 -12.39 -1.97
N ALA B 137 -18.84 -11.16 -2.44
CA ALA B 137 -19.63 -10.67 -3.56
C ALA B 137 -19.45 -11.65 -4.74
N PRO B 138 -20.53 -11.93 -5.48
CA PRO B 138 -20.44 -12.86 -6.62
C PRO B 138 -19.36 -12.47 -7.62
N LEU B 139 -19.20 -11.18 -7.84
CA LEU B 139 -18.18 -10.68 -8.76
C LEU B 139 -17.03 -10.01 -8.02
N ALA B 140 -16.75 -10.47 -6.81
CA ALA B 140 -15.72 -9.86 -5.97
C ALA B 140 -14.38 -9.69 -6.70
N GLU B 141 -13.90 -10.75 -7.35
CA GLU B 141 -12.59 -10.69 -7.99
C GLU B 141 -12.57 -9.69 -9.15
N GLU B 142 -13.58 -9.77 -10.01
CA GLU B 142 -13.72 -8.85 -11.14
C GLU B 142 -13.72 -7.39 -10.67
N TRP B 143 -14.52 -7.07 -9.66
CA TRP B 143 -14.64 -5.71 -9.17
C TRP B 143 -13.41 -5.26 -8.39
N ASP B 144 -12.77 -6.20 -7.69
CA ASP B 144 -11.58 -5.87 -6.91
C ASP B 144 -10.35 -5.61 -7.78
N ASN B 145 -10.36 -6.17 -8.98
CA ASN B 145 -9.21 -6.07 -9.89
C ASN B 145 -9.29 -4.84 -10.80
N MET B 146 -10.28 -3.99 -10.54
CA MET B 146 -10.52 -2.75 -11.25
C MET B 146 -10.36 -1.61 -10.27
N THR B 147 -9.84 -0.47 -10.73
CA THR B 147 -9.92 0.75 -9.90
C THR B 147 -11.25 1.43 -10.14
N MET B 148 -11.59 2.37 -9.25
CA MET B 148 -12.79 3.17 -9.45
C MET B 148 -12.68 3.99 -10.73
N LYS B 149 -11.48 4.41 -11.09
CA LYS B 149 -11.27 5.12 -12.36
C LYS B 149 -11.75 4.29 -13.55
N GLU B 150 -11.36 3.01 -13.57
CA GLU B 150 -11.78 2.09 -14.63
C GLU B 150 -13.29 1.91 -14.67
N LEU B 151 -13.90 1.80 -13.50
CA LEU B 151 -15.34 1.61 -13.40
C LEU B 151 -16.06 2.85 -13.93
N LEU B 152 -15.59 4.03 -13.51
CA LEU B 152 -16.18 5.28 -13.97
C LEU B 152 -16.04 5.43 -15.48
N ASP B 153 -14.89 5.02 -16.01
CA ASP B 153 -14.62 5.08 -17.44
C ASP B 153 -15.60 4.21 -18.22
N LYS B 154 -15.93 3.05 -17.67
CA LYS B 154 -16.91 2.12 -18.25
C LYS B 154 -18.34 2.63 -18.17
N LEU B 155 -18.70 3.19 -17.01
CA LEU B 155 -20.09 3.49 -16.68
C LEU B 155 -20.56 4.85 -17.20
N CYS B 156 -19.69 5.85 -17.14
CA CYS B 156 -20.09 7.22 -17.45
C CYS B 156 -19.92 7.56 -18.91
N TRP B 157 -21.02 7.85 -19.58
CA TRP B 157 -21.00 8.19 -21.00
C TRP B 157 -20.84 9.69 -21.24
N THR B 158 -20.96 10.48 -20.17
CA THR B 158 -20.73 11.93 -20.23
C THR B 158 -19.58 12.32 -19.31
N GLU B 159 -18.85 13.36 -19.71
CA GLU B 159 -17.78 13.92 -18.87
C GLU B 159 -18.32 14.55 -17.60
N SER B 160 -19.51 15.16 -17.69
CA SER B 160 -20.20 15.75 -16.54
C SER B 160 -20.40 14.72 -15.42
N ALA B 161 -20.96 13.56 -15.78
CA ALA B 161 -21.21 12.52 -14.79
C ALA B 161 -19.88 12.00 -14.23
N LYS B 162 -18.91 11.79 -15.11
CA LYS B 162 -17.60 11.29 -14.70
C LYS B 162 -16.90 12.22 -13.72
N GLN B 163 -16.96 13.53 -13.99
CA GLN B 163 -16.35 14.53 -13.13
C GLN B 163 -17.00 14.58 -11.76
N LEU B 164 -18.34 14.54 -11.72
CA LEU B 164 -19.05 14.57 -10.44
C LEU B 164 -18.81 13.28 -9.63
N ALA B 165 -18.80 12.15 -10.34
CA ALA B 165 -18.51 10.85 -9.71
C ALA B 165 -17.11 10.85 -9.13
N THR B 166 -16.17 11.46 -9.84
CA THR B 166 -14.79 11.58 -9.39
C THR B 166 -14.70 12.41 -8.10
N LEU B 167 -15.36 13.57 -8.11
CA LEU B 167 -15.44 14.41 -6.91
C LEU B 167 -15.98 13.60 -5.74
N PHE B 168 -17.05 12.83 -5.98
CA PHE B 168 -17.67 12.00 -4.95
C PHE B 168 -16.67 11.03 -4.35
N VAL B 169 -15.94 10.33 -5.21
CA VAL B 169 -14.91 9.39 -4.73
C VAL B 169 -13.85 10.11 -3.90
N ASN B 170 -13.35 11.23 -4.42
CA ASN B 170 -12.31 12.00 -3.72
C ASN B 170 -12.80 12.44 -2.33
N LEU B 171 -14.04 12.91 -2.27
CA LEU B 171 -14.63 13.40 -1.03
C LEU B 171 -14.91 12.28 -0.03
N CYS B 172 -15.37 11.15 -0.55
CA CYS B 172 -15.79 10.02 0.29
C CYS B 172 -14.61 9.35 0.97
N VAL B 173 -13.52 9.18 0.22
CA VAL B 173 -12.41 8.34 0.70
C VAL B 173 -11.01 8.98 0.60
N THR B 174 -10.99 10.29 0.37
CA THR B 174 -9.76 11.11 0.31
C THR B 174 -8.63 10.48 -0.50
N ALA B 175 -9.03 9.92 -1.64
CA ALA B 175 -8.13 9.20 -2.50
C ALA B 175 -8.60 9.41 -3.92
N GLU B 176 -7.67 9.24 -4.85
CA GLU B 176 -7.98 9.37 -6.27
C GLU B 176 -8.71 8.13 -6.76
N THR B 177 -9.48 8.28 -7.84
CA THR B 177 -10.25 7.16 -8.35
C THR B 177 -9.35 6.02 -8.82
N HIS B 178 -8.17 6.38 -9.32
CA HIS B 178 -7.22 5.39 -9.81
C HIS B 178 -6.44 4.70 -8.69
N GLU B 179 -6.60 5.18 -7.45
CA GLU B 179 -5.88 4.62 -6.32
C GLU B 179 -6.61 3.46 -5.66
N VAL B 180 -7.93 3.44 -5.79
CA VAL B 180 -8.77 2.57 -4.96
C VAL B 180 -9.48 1.46 -5.74
N SER B 181 -9.66 0.31 -5.11
CA SER B 181 -10.41 -0.80 -5.69
C SER B 181 -11.87 -0.43 -5.86
N ALA B 182 -12.46 -0.82 -6.98
CA ALA B 182 -13.89 -0.64 -7.18
C ALA B 182 -14.71 -1.44 -6.18
N LEU B 183 -14.32 -2.70 -5.92
CA LEU B 183 -15.04 -3.52 -4.95
C LEU B 183 -15.03 -2.85 -3.58
N TRP B 184 -13.85 -2.39 -3.15
CA TRP B 184 -13.75 -1.77 -1.84
C TRP B 184 -14.60 -0.50 -1.76
N PHE B 185 -14.53 0.33 -2.79
CA PHE B 185 -15.29 1.58 -2.76
C PHE B 185 -16.79 1.32 -2.74
N LEU B 186 -17.22 0.35 -3.54
CA LEU B 186 -18.64 0.01 -3.61
C LEU B 186 -19.11 -0.57 -2.28
N TRP B 187 -18.27 -1.40 -1.65
CA TRP B 187 -18.55 -1.86 -0.29
C TRP B 187 -18.67 -0.67 0.67
N TYR B 188 -17.71 0.25 0.57
CA TYR B 188 -17.63 1.37 1.52
C TYR B 188 -18.91 2.18 1.50
N VAL B 189 -19.41 2.45 0.29
CA VAL B 189 -20.64 3.23 0.15
C VAL B 189 -21.85 2.44 0.66
N LYS B 190 -21.92 1.17 0.28
CA LYS B 190 -23.03 0.31 0.68
C LYS B 190 -23.12 0.16 2.20
N GLN B 191 -21.98 0.04 2.86
CA GLN B 191 -21.96 -0.22 4.31
C GLN B 191 -22.23 1.05 5.12
N CYS B 192 -22.31 2.19 4.44
CA CYS B 192 -22.82 3.42 5.07
C CYS B 192 -24.30 3.60 4.79
N GLY B 193 -24.88 2.68 4.04
CA GLY B 193 -26.29 2.74 3.72
C GLY B 193 -26.62 3.26 2.34
N GLY B 194 -25.60 3.40 1.49
CA GLY B 194 -25.82 3.79 0.10
C GLY B 194 -25.53 5.24 -0.23
N THR B 195 -25.62 5.58 -1.51
CA THR B 195 -25.17 6.90 -1.98
C THR B 195 -25.92 8.06 -1.33
N THR B 196 -27.24 7.96 -1.27
CA THR B 196 -28.02 9.07 -0.70
C THR B 196 -27.68 9.31 0.76
N ARG B 197 -27.60 8.22 1.53
CA ARG B 197 -27.31 8.33 2.95
C ARG B 197 -25.93 8.94 3.20
N ILE B 198 -24.94 8.50 2.43
CA ILE B 198 -23.57 8.96 2.66
C ILE B 198 -23.37 10.43 2.26
N ILE B 199 -24.05 10.88 1.21
CA ILE B 199 -23.83 12.23 0.68
C ILE B 199 -24.71 13.31 1.30
N SER B 200 -25.76 12.89 2.00
CA SER B 200 -26.75 13.84 2.46
C SER B 200 -26.35 14.51 3.76
N THR B 201 -26.70 15.79 3.88
CA THR B 201 -26.64 16.49 5.15
C THR B 201 -27.94 16.16 5.88
N THR B 202 -29.05 16.79 5.51
CA THR B 202 -30.35 16.38 6.02
C THR B 202 -30.60 14.90 5.71
N ASN B 203 -30.89 14.13 6.75
CA ASN B 203 -31.14 12.68 6.66
C ASN B 203 -29.93 11.86 6.23
N GLY B 204 -28.73 12.40 6.41
CA GLY B 204 -27.52 11.68 6.03
C GLY B 204 -26.37 11.83 7.00
N GLY B 205 -25.19 11.40 6.55
CA GLY B 205 -24.02 11.37 7.42
C GLY B 205 -23.57 12.72 7.95
N GLN B 206 -23.95 13.80 7.28
CA GLN B 206 -23.50 15.14 7.67
C GLN B 206 -24.56 15.95 8.38
N GLU B 207 -25.58 15.29 8.94
CA GLU B 207 -26.71 16.03 9.49
C GLU B 207 -26.33 16.84 10.73
N ARG B 208 -25.43 16.29 11.53
CA ARG B 208 -25.19 16.83 12.85
C ARG B 208 -23.71 16.89 13.24
N LYS B 209 -23.44 17.71 14.25
CA LYS B 209 -22.14 17.73 14.92
C LYS B 209 -22.40 17.71 16.42
N PHE B 210 -21.37 17.40 17.20
CA PHE B 210 -21.50 17.44 18.65
C PHE B 210 -21.25 18.84 19.20
N VAL B 211 -22.15 19.29 20.06
CA VAL B 211 -21.93 20.54 20.78
C VAL B 211 -20.67 20.40 21.63
N GLY B 212 -19.71 21.30 21.42
CA GLY B 212 -18.45 21.26 22.14
C GLY B 212 -17.35 20.46 21.48
N GLY B 213 -17.69 19.75 20.40
CA GLY B 213 -16.70 18.99 19.65
C GLY B 213 -16.73 17.49 19.90
N SER B 214 -16.33 16.72 18.88
CA SER B 214 -16.33 15.26 18.97
C SER B 214 -15.21 14.72 19.86
N GLY B 215 -14.16 15.51 20.06
CA GLY B 215 -13.07 15.13 20.95
C GLY B 215 -13.54 14.79 22.35
N GLN B 216 -14.70 15.33 22.75
CA GLN B 216 -15.25 15.08 24.08
C GLN B 216 -15.61 13.61 24.30
N VAL B 217 -15.90 12.88 23.23
CA VAL B 217 -16.20 11.46 23.38
C VAL B 217 -15.02 10.75 24.03
N SER B 218 -13.84 10.87 23.43
CA SER B 218 -12.66 10.19 23.96
C SER B 218 -12.22 10.81 25.29
N GLU B 219 -12.34 12.13 25.40
CA GLU B 219 -11.92 12.82 26.63
C GLU B 219 -12.76 12.40 27.83
N ARG B 220 -14.06 12.26 27.61
CA ARG B 220 -14.97 11.92 28.72
C ARG B 220 -14.86 10.47 29.14
N ILE B 221 -14.50 9.58 28.20
CA ILE B 221 -14.21 8.19 28.58
C ILE B 221 -12.89 8.14 29.35
N MET B 222 -11.91 8.94 28.94
CA MET B 222 -10.66 9.06 29.68
C MET B 222 -10.92 9.54 31.10
N ASP B 223 -11.85 10.49 31.25
CA ASP B 223 -12.25 10.96 32.59
C ASP B 223 -12.76 9.82 33.46
N LEU B 224 -13.60 8.96 32.87
CA LEU B 224 -14.17 7.81 33.56
C LEU B 224 -13.10 6.79 33.95
N LEU B 225 -12.14 6.56 33.06
CA LEU B 225 -11.13 5.53 33.28
C LEU B 225 -10.00 6.01 34.18
N GLY B 226 -9.83 7.32 34.28
CA GLY B 226 -8.80 7.93 35.11
C GLY B 226 -7.39 7.48 34.79
N ASP B 227 -6.72 6.92 35.81
CA ASP B 227 -5.33 6.53 35.72
C ASP B 227 -5.06 5.34 34.79
N ARG B 228 -6.14 4.71 34.32
CA ARG B 228 -6.05 3.54 33.44
C ARG B 228 -5.58 3.90 32.02
N VAL B 229 -5.75 5.17 31.65
CA VAL B 229 -5.28 5.67 30.35
C VAL B 229 -3.87 6.23 30.51
N LYS B 230 -2.94 5.66 29.75
CA LYS B 230 -1.54 6.05 29.81
C LYS B 230 -1.16 6.77 28.52
N LEU B 231 -0.96 8.08 28.63
CA LEU B 231 -0.60 8.92 27.49
C LEU B 231 0.90 8.90 27.24
N GLU B 232 1.30 9.13 25.99
CA GLU B 232 2.71 9.09 25.58
C GLU B 232 3.33 7.73 25.85
N ARG B 233 2.55 6.69 25.55
CA ARG B 233 2.99 5.31 25.65
C ARG B 233 2.80 4.62 24.30
N PRO B 234 3.64 4.93 23.31
CA PRO B 234 3.56 4.21 22.04
C PRO B 234 3.98 2.77 22.27
N VAL B 235 3.14 1.84 21.84
CA VAL B 235 3.44 0.42 21.91
C VAL B 235 4.43 0.06 20.81
N ILE B 236 5.49 -0.65 21.20
CA ILE B 236 6.56 -1.02 20.26
C ILE B 236 6.70 -2.53 20.10
N TYR B 237 6.14 -3.29 21.03
CA TYR B 237 6.44 -4.71 21.13
C TYR B 237 5.33 -5.47 21.83
N ILE B 238 4.87 -6.55 21.20
CA ILE B 238 3.89 -7.45 21.80
C ILE B 238 4.42 -8.88 21.75
N ASP B 239 4.51 -9.49 22.92
CA ASP B 239 5.06 -10.82 23.09
C ASP B 239 3.98 -11.77 23.59
N GLN B 240 3.69 -12.79 22.77
CA GLN B 240 2.65 -13.77 23.09
C GLN B 240 3.19 -15.17 23.32
N THR B 241 4.48 -15.29 23.60
CA THR B 241 5.11 -16.61 23.77
C THR B 241 4.86 -17.21 25.15
N ARG B 242 4.51 -16.37 26.12
CA ARG B 242 4.33 -16.81 27.51
C ARG B 242 2.86 -16.90 27.90
N GLU B 243 2.61 -17.27 29.16
CA GLU B 243 1.26 -17.43 29.70
C GLU B 243 0.41 -16.16 29.60
N ASN B 244 1.01 -15.03 29.97
CA ASN B 244 0.38 -13.72 29.83
C ASN B 244 1.03 -12.97 28.68
N VAL B 245 0.22 -12.16 27.99
CA VAL B 245 0.73 -11.32 26.90
C VAL B 245 1.52 -10.14 27.50
N LEU B 246 2.70 -9.89 26.94
CA LEU B 246 3.54 -8.78 27.37
C LEU B 246 3.48 -7.67 26.33
N VAL B 247 3.16 -6.46 26.77
CA VAL B 247 3.12 -5.30 25.89
C VAL B 247 4.12 -4.25 26.36
N GLU B 248 5.08 -3.93 25.49
CA GLU B 248 6.12 -2.96 25.83
C GLU B 248 5.89 -1.64 25.11
N THR B 249 6.18 -0.55 25.80
CA THR B 249 6.07 0.80 25.22
C THR B 249 7.45 1.42 24.95
N LEU B 250 7.45 2.48 24.14
CA LEU B 250 8.66 3.21 23.77
C LEU B 250 9.40 3.80 24.97
N ASN B 251 8.63 4.24 25.98
CA ASN B 251 9.20 4.80 27.21
C ASN B 251 9.59 3.74 28.25
N HIS B 252 9.77 2.50 27.76
CA HIS B 252 10.39 1.39 28.50
C HIS B 252 9.48 0.59 29.46
N GLU B 253 8.22 1.00 29.55
CA GLU B 253 7.27 0.34 30.44
C GLU B 253 6.77 -0.99 29.88
N MET B 254 6.52 -1.94 30.77
CA MET B 254 6.00 -3.24 30.39
C MET B 254 4.63 -3.47 31.02
N TYR B 255 3.70 -3.95 30.22
CA TYR B 255 2.35 -4.24 30.67
C TYR B 255 2.03 -5.71 30.41
N GLU B 256 1.40 -6.35 31.40
CA GLU B 256 1.05 -7.75 31.29
C GLU B 256 -0.45 -7.89 31.30
N ALA B 257 -0.97 -8.65 30.35
CA ALA B 257 -2.42 -8.83 30.22
C ALA B 257 -2.80 -10.22 29.73
N LYS B 258 -4.06 -10.57 29.94
CA LYS B 258 -4.60 -11.83 29.44
C LYS B 258 -4.88 -11.71 27.95
N TYR B 259 -5.33 -10.53 27.53
CA TYR B 259 -5.68 -10.25 26.13
C TYR B 259 -5.29 -8.83 25.75
N VAL B 260 -5.20 -8.59 24.45
CA VAL B 260 -4.90 -7.27 23.91
C VAL B 260 -5.94 -6.92 22.85
N ILE B 261 -6.38 -5.67 22.85
CA ILE B 261 -7.12 -5.13 21.72
C ILE B 261 -6.23 -4.15 20.98
N SER B 262 -6.06 -4.40 19.68
CA SER B 262 -5.38 -3.44 18.81
C SER B 262 -6.42 -2.51 18.23
N ALA B 263 -6.43 -1.27 18.70
CA ALA B 263 -7.43 -0.30 18.25
C ALA B 263 -6.76 0.82 17.45
N ILE B 264 -5.84 0.44 16.57
CA ILE B 264 -5.11 1.40 15.74
C ILE B 264 -5.40 1.07 14.26
N PRO B 265 -5.22 2.05 13.36
CA PRO B 265 -5.34 1.78 11.92
C PRO B 265 -4.51 0.56 11.55
N PRO B 266 -5.03 -0.33 10.70
CA PRO B 266 -4.35 -1.59 10.39
C PRO B 266 -2.88 -1.39 10.04
N THR B 267 -2.57 -0.43 9.18
CA THR B 267 -1.19 -0.24 8.79
C THR B 267 -0.26 0.19 9.93
N LEU B 268 -0.82 0.85 10.94
CA LEU B 268 0.00 1.28 12.08
C LEU B 268 0.42 0.12 12.97
N GLY B 269 -0.17 -1.06 12.73
CA GLY B 269 0.32 -2.29 13.32
C GLY B 269 1.77 -2.56 12.94
N MET B 270 2.24 -1.95 11.84
CA MET B 270 3.63 -2.08 11.44
C MET B 270 4.61 -1.49 12.44
N LYS B 271 4.14 -0.54 13.25
CA LYS B 271 5.00 0.12 14.24
C LYS B 271 5.29 -0.77 15.45
N ILE B 272 4.64 -1.92 15.49
CA ILE B 272 4.80 -2.88 16.57
C ILE B 272 5.58 -4.09 16.08
N HIS B 273 6.59 -4.49 16.85
CA HIS B 273 7.35 -5.70 16.59
C HIS B 273 6.65 -6.83 17.33
N PHE B 274 6.40 -7.92 16.63
CA PHE B 274 5.61 -9.03 17.18
C PHE B 274 6.45 -10.28 17.44
N ASN B 275 6.17 -10.91 18.58
CA ASN B 275 6.78 -12.19 18.94
C ASN B 275 5.68 -13.10 19.48
N PRO B 276 5.40 -14.23 18.83
CA PRO B 276 6.05 -14.62 17.55
C PRO B 276 5.61 -13.71 16.41
N PRO B 277 6.26 -13.79 15.24
CA PRO B 277 5.86 -12.97 14.10
C PRO B 277 4.39 -13.20 13.76
N LEU B 278 3.76 -12.19 13.18
CA LEU B 278 2.39 -12.32 12.71
C LEU B 278 2.30 -13.41 11.65
N PRO B 279 1.12 -14.03 11.53
CA PRO B 279 0.89 -14.96 10.42
C PRO B 279 1.09 -14.22 9.09
N MET B 280 1.54 -14.95 8.08
CA MET B 280 1.89 -14.38 6.77
C MET B 280 0.85 -13.40 6.21
N MET B 281 -0.42 -13.78 6.26
CA MET B 281 -1.46 -12.96 5.65
C MET B 281 -1.55 -11.58 6.31
N ARG B 282 -1.56 -11.55 7.64
CA ARG B 282 -1.58 -10.26 8.33
C ARG B 282 -0.27 -9.50 8.16
N ASN B 283 0.85 -10.23 8.20
CA ASN B 283 2.15 -9.61 7.98
C ASN B 283 2.18 -8.77 6.72
N GLN B 284 1.63 -9.31 5.63
CA GLN B 284 1.59 -8.59 4.36
C GLN B 284 0.42 -7.62 4.27
N MET B 285 -0.72 -7.97 4.85
CA MET B 285 -1.89 -7.10 4.80
C MET B 285 -1.58 -5.68 5.30
N ILE B 286 -0.86 -5.60 6.41
CA ILE B 286 -0.62 -4.31 7.07
C ILE B 286 0.36 -3.39 6.33
N THR B 287 0.93 -3.88 5.23
CA THR B 287 1.74 -3.05 4.32
C THR B 287 0.95 -2.65 3.06
N ARG B 288 -0.31 -3.07 2.98
CA ARG B 288 -1.10 -2.90 1.76
C ARG B 288 -2.30 -1.99 1.90
N VAL B 289 -2.41 -1.33 3.05
CA VAL B 289 -3.64 -0.63 3.43
C VAL B 289 -3.36 0.82 3.90
N PRO B 290 -3.11 1.72 2.97
CA PRO B 290 -2.81 3.11 3.35
C PRO B 290 -4.06 3.88 3.75
N LEU B 291 -3.84 5.03 4.40
CA LEU B 291 -4.91 5.97 4.69
C LEU B 291 -4.87 7.10 3.67
N GLY B 292 -6.02 7.76 3.50
CA GLY B 292 -6.15 8.86 2.55
C GLY B 292 -5.42 10.11 2.97
N SER B 293 -5.55 11.14 2.14
CA SER B 293 -4.84 12.40 2.30
C SER B 293 -5.84 13.55 2.34
N VAL B 294 -5.79 14.33 3.42
CA VAL B 294 -6.72 15.45 3.57
C VAL B 294 -6.16 16.54 4.50
N ILE B 295 -6.46 17.78 4.13
CA ILE B 295 -6.32 18.91 5.04
C ILE B 295 -7.73 19.44 5.31
N LYS B 296 -8.10 19.50 6.58
CA LYS B 296 -9.36 20.11 6.99
C LYS B 296 -9.10 21.57 7.33
N CYS B 297 -9.85 22.47 6.70
CA CYS B 297 -9.60 23.90 6.81
C CYS B 297 -10.87 24.61 7.21
N ILE B 298 -10.75 25.50 8.20
CA ILE B 298 -11.92 26.27 8.64
C ILE B 298 -11.58 27.75 8.61
N VAL B 299 -12.33 28.50 7.79
CA VAL B 299 -12.15 29.93 7.64
C VAL B 299 -13.28 30.62 8.39
N TYR B 300 -12.89 31.55 9.27
CA TYR B 300 -13.83 32.26 10.13
C TYR B 300 -14.12 33.65 9.61
N TYR B 301 -15.37 34.08 9.81
CA TYR B 301 -15.83 35.38 9.36
C TYR B 301 -16.61 36.08 10.46
N LYS B 302 -16.78 37.40 10.31
CA LYS B 302 -17.55 38.21 11.25
C LYS B 302 -19.00 37.72 11.36
N GLU B 303 -19.60 37.39 10.21
CA GLU B 303 -20.99 36.95 10.13
C GLU B 303 -21.11 35.83 9.09
N PRO B 304 -22.16 35.00 9.18
CA PRO B 304 -22.41 34.00 8.14
C PRO B 304 -23.10 34.65 6.95
N PHE B 305 -22.33 35.47 6.25
CA PHE B 305 -22.83 36.38 5.22
C PHE B 305 -23.51 35.67 4.05
N TRP B 306 -23.13 34.42 3.81
CA TRP B 306 -23.70 33.63 2.71
C TRP B 306 -25.20 33.42 2.90
N ARG B 307 -25.64 33.35 4.15
CA ARG B 307 -27.05 33.13 4.45
C ARG B 307 -27.93 34.28 3.94
N LYS B 308 -27.36 35.47 3.91
CA LYS B 308 -28.07 36.67 3.45
C LYS B 308 -28.37 36.58 1.95
N LYS B 309 -27.56 35.80 1.23
CA LYS B 309 -27.74 35.58 -0.20
C LYS B 309 -28.50 34.28 -0.47
N ASP B 310 -29.11 33.72 0.58
CA ASP B 310 -29.86 32.47 0.50
C ASP B 310 -28.98 31.28 0.09
N TYR B 311 -27.75 31.27 0.59
CA TYR B 311 -26.85 30.13 0.45
C TYR B 311 -26.62 29.56 1.85
N CYS B 312 -26.67 28.24 1.98
CA CYS B 312 -26.48 27.62 3.29
C CYS B 312 -25.01 27.49 3.68
N GLY B 313 -24.12 27.59 2.69
CA GLY B 313 -22.70 27.43 2.92
C GLY B 313 -22.13 26.16 2.33
N THR B 314 -23.00 25.27 1.87
CA THR B 314 -22.58 24.05 1.17
C THR B 314 -22.23 24.40 -0.26
N MET B 315 -21.00 24.06 -0.65
CA MET B 315 -20.55 24.27 -2.01
C MET B 315 -19.89 22.99 -2.53
N ILE B 316 -20.34 22.58 -3.70
CA ILE B 316 -19.74 21.45 -4.42
C ILE B 316 -18.99 22.10 -5.57
N ILE B 317 -17.68 22.06 -5.48
CA ILE B 317 -16.84 22.79 -6.43
C ILE B 317 -16.04 21.86 -7.35
N ASP B 318 -16.45 21.86 -8.63
CA ASP B 318 -15.77 21.11 -9.71
C ASP B 318 -14.44 21.80 -10.03
N GLY B 319 -13.54 21.04 -10.66
CA GLY B 319 -12.29 21.62 -11.23
C GLY B 319 -11.01 21.34 -10.44
N GLU B 320 -9.93 21.29 -11.23
CA GLU B 320 -8.58 21.05 -10.73
C GLU B 320 -8.04 22.30 -10.00
N GLU B 321 -8.47 23.47 -10.46
CA GLU B 321 -7.98 24.76 -9.91
C GLU B 321 -8.41 25.02 -8.47
N ALA B 322 -9.61 24.54 -8.12
CA ALA B 322 -10.18 24.76 -6.80
C ALA B 322 -9.46 23.90 -5.76
N PRO B 323 -8.89 24.53 -4.73
CA PRO B 323 -8.20 23.78 -3.67
C PRO B 323 -9.18 22.89 -2.89
N VAL B 324 -10.41 23.36 -2.71
CA VAL B 324 -11.42 22.70 -1.92
C VAL B 324 -12.55 22.30 -2.85
N ALA B 325 -12.98 21.03 -2.78
CA ALA B 325 -14.05 20.54 -3.64
C ALA B 325 -15.40 20.56 -2.95
N TYR B 326 -15.39 20.70 -1.63
CA TYR B 326 -16.63 20.59 -0.85
C TYR B 326 -16.53 21.38 0.43
N THR B 327 -17.59 22.14 0.73
CA THR B 327 -17.64 22.91 1.98
C THR B 327 -18.96 22.70 2.69
N LEU B 328 -18.95 23.00 3.98
CA LEU B 328 -20.17 23.11 4.78
C LEU B 328 -20.04 24.31 5.70
N ASP B 329 -21.18 24.90 6.04
CA ASP B 329 -21.26 25.93 7.06
C ASP B 329 -20.81 25.32 8.39
N ASP B 330 -19.85 25.96 9.07
CA ASP B 330 -19.35 25.48 10.35
C ASP B 330 -19.65 26.46 11.48
N THR B 331 -20.59 27.37 11.23
CA THR B 331 -21.08 28.31 12.24
C THR B 331 -21.64 27.56 13.45
N LYS B 332 -21.41 28.11 14.65
CA LYS B 332 -21.94 27.54 15.87
C LYS B 332 -23.47 27.58 15.86
N PRO B 333 -24.11 26.64 16.56
CA PRO B 333 -25.57 26.58 16.61
C PRO B 333 -26.18 27.91 17.07
N GLU B 334 -25.44 28.66 17.88
CA GLU B 334 -25.89 29.96 18.39
C GLU B 334 -25.85 31.07 17.32
N GLY B 335 -25.20 30.78 16.19
CA GLY B 335 -25.12 31.70 15.08
C GLY B 335 -23.87 32.57 15.06
N ASN B 336 -23.01 32.38 16.05
CA ASN B 336 -21.75 33.11 16.13
C ASN B 336 -20.59 32.19 15.73
N TYR B 337 -19.38 32.75 15.74
CA TYR B 337 -18.18 32.08 15.22
C TYR B 337 -18.44 31.58 13.80
N ALA B 338 -19.02 32.45 12.98
CA ALA B 338 -19.31 32.14 11.58
C ALA B 338 -18.07 31.58 10.89
N ALA B 339 -18.28 30.52 10.13
CA ALA B 339 -17.15 29.79 9.53
C ALA B 339 -17.59 28.90 8.38
N ILE B 340 -16.68 28.71 7.44
CA ILE B 340 -16.86 27.74 6.38
C ILE B 340 -15.79 26.66 6.54
N MET B 341 -16.24 25.41 6.59
CA MET B 341 -15.32 24.27 6.64
C MET B 341 -15.13 23.72 5.23
N GLY B 342 -13.89 23.45 4.85
CA GLY B 342 -13.61 22.83 3.57
C GLY B 342 -12.55 21.76 3.68
N PHE B 343 -12.61 20.78 2.78
CA PHE B 343 -11.62 19.71 2.73
C PHE B 343 -10.75 19.90 1.50
N ILE B 344 -9.43 19.85 1.69
CA ILE B 344 -8.50 19.80 0.58
C ILE B 344 -8.15 18.32 0.44
N LEU B 345 -8.50 17.74 -0.71
CA LEU B 345 -8.59 16.27 -0.86
C LEU B 345 -7.49 15.67 -1.69
N ALA B 346 -7.00 14.51 -1.25
CA ALA B 346 -6.20 13.61 -2.09
C ALA B 346 -4.98 14.32 -2.69
N HIS B 347 -4.80 14.31 -4.01
CA HIS B 347 -3.59 14.93 -4.56
C HIS B 347 -3.45 16.42 -4.25
N LYS B 348 -4.57 17.11 -4.04
CA LYS B 348 -4.51 18.53 -3.70
C LYS B 348 -3.95 18.76 -2.31
N ALA B 349 -4.20 17.82 -1.39
CA ALA B 349 -3.62 17.90 -0.04
C ALA B 349 -2.10 17.82 -0.15
N ARG B 350 -1.63 16.91 -1.02
CA ARG B 350 -0.20 16.72 -1.28
C ARG B 350 0.41 17.97 -1.90
N LYS B 351 -0.27 18.51 -2.91
CA LYS B 351 0.19 19.69 -3.65
C LYS B 351 0.23 20.95 -2.81
N LEU B 352 -0.85 21.20 -2.06
CA LEU B 352 -0.99 22.48 -1.36
C LEU B 352 -0.37 22.52 0.03
N ALA B 353 0.06 21.36 0.53
CA ALA B 353 0.75 21.29 1.81
C ALA B 353 2.09 22.03 1.75
N ARG B 354 2.61 22.19 0.53
CA ARG B 354 3.87 22.90 0.27
C ARG B 354 3.80 24.39 0.58
N LEU B 355 2.58 24.93 0.58
CA LEU B 355 2.34 26.35 0.85
C LEU B 355 2.37 26.66 2.35
N THR B 356 2.44 27.94 2.68
CA THR B 356 2.28 28.36 4.06
C THR B 356 0.79 28.38 4.43
N LYS B 357 0.51 28.41 5.72
CA LYS B 357 -0.85 28.53 6.24
C LYS B 357 -1.54 29.77 5.66
N GLU B 358 -0.81 30.88 5.60
CA GLU B 358 -1.33 32.14 5.08
C GLU B 358 -1.64 32.05 3.57
N GLU B 359 -0.80 31.34 2.84
CA GLU B 359 -1.00 31.15 1.41
C GLU B 359 -2.24 30.30 1.12
N ARG B 360 -2.47 29.27 1.95
CA ARG B 360 -3.65 28.44 1.80
C ARG B 360 -4.92 29.23 2.13
N LEU B 361 -4.86 30.05 3.19
CA LEU B 361 -5.98 30.91 3.55
C LEU B 361 -6.38 31.81 2.39
N LYS B 362 -5.40 32.46 1.77
CA LYS B 362 -5.63 33.33 0.62
C LYS B 362 -6.34 32.58 -0.51
N LYS B 363 -5.86 31.39 -0.85
CA LYS B 363 -6.44 30.57 -1.91
C LYS B 363 -7.88 30.20 -1.60
N LEU B 364 -8.14 29.84 -0.34
CA LEU B 364 -9.49 29.45 0.07
C LEU B 364 -10.45 30.64 0.02
N CYS B 365 -10.01 31.77 0.53
CA CYS B 365 -10.83 32.97 0.56
C CYS B 365 -11.20 33.45 -0.84
N GLU B 366 -10.21 33.42 -1.75
CA GLU B 366 -10.44 33.81 -3.14
C GLU B 366 -11.41 32.87 -3.83
N LEU B 367 -11.28 31.57 -3.56
CA LEU B 367 -12.22 30.58 -4.08
C LEU B 367 -13.63 30.83 -3.54
N TYR B 368 -13.74 31.00 -2.23
CA TYR B 368 -15.06 31.21 -1.64
C TYR B 368 -15.72 32.49 -2.13
N ALA B 369 -14.93 33.54 -2.35
CA ALA B 369 -15.45 34.80 -2.89
C ALA B 369 -16.07 34.57 -4.26
N LYS B 370 -15.40 33.77 -5.08
CA LYS B 370 -15.86 33.44 -6.42
C LYS B 370 -17.15 32.64 -6.35
N VAL B 371 -17.15 31.57 -5.56
CA VAL B 371 -18.27 30.63 -5.56
C VAL B 371 -19.50 31.24 -4.89
N LEU B 372 -19.28 31.97 -3.79
CA LEU B 372 -20.38 32.64 -3.13
C LEU B 372 -20.74 33.98 -3.75
N GLY B 373 -19.91 34.47 -4.67
CA GLY B 373 -20.11 35.75 -5.32
C GLY B 373 -20.17 36.86 -4.29
N SER B 374 -19.22 36.84 -3.35
CA SER B 374 -19.24 37.77 -2.23
C SER B 374 -17.84 38.24 -1.85
N LEU B 375 -17.63 39.55 -1.86
CA LEU B 375 -16.36 40.13 -1.47
C LEU B 375 -16.10 39.95 0.02
N GLU B 376 -17.15 39.66 0.77
CA GLU B 376 -17.02 39.42 2.21
C GLU B 376 -16.16 38.20 2.53
N ALA B 377 -16.07 37.28 1.58
CA ALA B 377 -15.25 36.08 1.74
C ALA B 377 -13.76 36.41 1.77
N LEU B 378 -13.39 37.60 1.32
CA LEU B 378 -11.98 38.00 1.28
C LEU B 378 -11.52 38.63 2.59
N GLU B 379 -12.40 38.67 3.58
CA GLU B 379 -12.08 39.30 4.86
C GLU B 379 -12.21 38.33 6.04
N PRO B 380 -11.40 37.27 6.06
CA PRO B 380 -11.45 36.30 7.17
C PRO B 380 -10.99 36.94 8.47
N VAL B 381 -11.56 36.49 9.59
CA VAL B 381 -11.15 37.00 10.91
C VAL B 381 -10.22 36.00 11.62
N HIS B 382 -10.22 34.77 11.14
CA HIS B 382 -9.42 33.70 11.75
C HIS B 382 -9.37 32.48 10.82
N TYR B 383 -8.38 31.62 11.05
CA TYR B 383 -8.21 30.43 10.21
C TYR B 383 -7.62 29.31 11.06
N GLU B 384 -8.19 28.12 10.95
CA GLU B 384 -7.62 26.91 11.54
C GLU B 384 -7.56 25.81 10.49
N GLU B 385 -6.53 24.99 10.57
CA GLU B 385 -6.38 23.88 9.63
C GLU B 385 -5.60 22.74 10.26
N LYS B 386 -5.79 21.54 9.73
CA LYS B 386 -5.01 20.40 10.14
C LYS B 386 -4.77 19.50 8.96
N ASN B 387 -3.49 19.27 8.70
CA ASN B 387 -3.04 18.33 7.67
C ASN B 387 -2.82 16.97 8.33
N TRP B 388 -3.69 16.02 8.05
CA TRP B 388 -3.63 14.72 8.70
C TRP B 388 -2.56 13.80 8.11
N CYS B 389 -2.03 14.18 6.95
CA CYS B 389 -0.98 13.40 6.30
C CYS B 389 0.33 13.41 7.10
N GLU B 390 0.48 14.40 7.98
CA GLU B 390 1.74 14.55 8.72
C GLU B 390 1.77 13.75 10.02
N GLU B 391 0.66 13.13 10.37
CA GLU B 391 0.50 12.44 11.66
C GLU B 391 1.10 11.05 11.70
N GLN B 392 2.17 10.89 12.46
CA GLN B 392 2.83 9.59 12.62
C GLN B 392 1.88 8.52 13.13
N TYR B 393 1.00 8.90 14.05
CA TYR B 393 0.13 7.92 14.70
C TYR B 393 -1.31 7.88 14.14
N SER B 394 -1.51 8.49 12.98
CA SER B 394 -2.74 8.30 12.20
C SER B 394 -2.44 7.73 10.81
N GLY B 395 -1.48 8.35 10.13
CA GLY B 395 -1.10 7.94 8.78
C GLY B 395 -1.89 8.63 7.68
N GLY B 396 -2.88 9.42 8.08
CA GLY B 396 -3.77 10.09 7.15
C GLY B 396 -5.19 10.14 7.70
N CYS B 397 -6.12 10.56 6.85
CA CYS B 397 -7.55 10.61 7.17
C CYS B 397 -8.34 10.57 5.85
N TYR B 398 -9.62 10.20 5.89
CA TYR B 398 -10.36 9.86 7.11
C TYR B 398 -10.06 8.45 7.56
N THR B 399 -9.74 7.60 6.59
CA THR B 399 -9.65 6.18 6.88
C THR B 399 -8.75 5.44 5.89
N THR B 400 -8.67 4.14 6.10
CA THR B 400 -7.88 3.24 5.27
C THR B 400 -8.62 2.95 3.98
N TYR B 401 -7.91 3.05 2.86
CA TYR B 401 -8.47 2.61 1.58
C TYR B 401 -7.76 1.36 1.08
N PHE B 402 -8.43 0.61 0.22
CA PHE B 402 -7.84 -0.62 -0.34
C PHE B 402 -7.56 -0.41 -1.82
N PRO B 403 -6.28 -0.50 -2.21
CA PRO B 403 -5.90 -0.49 -3.63
C PRO B 403 -6.42 -1.74 -4.34
N PRO B 404 -6.42 -1.74 -5.67
CA PRO B 404 -6.95 -2.89 -6.41
C PRO B 404 -6.26 -4.20 -6.01
N GLY B 405 -7.09 -5.22 -5.80
CA GLY B 405 -6.63 -6.58 -5.54
C GLY B 405 -6.45 -6.97 -4.08
N ILE B 406 -6.53 -6.00 -3.18
CA ILE B 406 -6.15 -6.24 -1.78
C ILE B 406 -7.29 -6.81 -0.94
N LEU B 407 -8.49 -6.24 -1.11
CA LEU B 407 -9.63 -6.67 -0.31
C LEU B 407 -9.99 -8.13 -0.48
N THR B 408 -9.95 -8.65 -1.71
CA THR B 408 -10.25 -10.07 -1.91
C THR B 408 -9.15 -10.98 -1.37
N GLN B 409 -7.91 -10.53 -1.46
CA GLN B 409 -6.78 -11.37 -1.06
C GLN B 409 -6.52 -11.35 0.44
N TYR B 410 -6.76 -10.19 1.07
CA TYR B 410 -6.37 -9.96 2.45
C TYR B 410 -7.50 -9.52 3.37
N GLY B 411 -8.67 -9.23 2.81
CA GLY B 411 -9.77 -8.66 3.56
C GLY B 411 -10.23 -9.48 4.76
N ARG B 412 -10.21 -10.80 4.62
CA ARG B 412 -10.68 -11.68 5.68
C ARG B 412 -9.79 -11.66 6.92
N VAL B 413 -8.56 -11.16 6.76
CA VAL B 413 -7.60 -11.06 7.87
C VAL B 413 -7.87 -9.89 8.81
N LEU B 414 -8.60 -8.89 8.32
CA LEU B 414 -8.71 -7.61 9.03
C LEU B 414 -9.07 -7.74 10.51
N ARG B 415 -10.10 -8.51 10.83
CA ARG B 415 -10.47 -8.67 12.23
C ARG B 415 -10.33 -10.08 12.77
N GLN B 416 -9.55 -10.91 12.08
CA GLN B 416 -9.19 -12.23 12.57
C GLN B 416 -8.23 -12.10 13.76
N PRO B 417 -8.59 -12.67 14.92
CA PRO B 417 -7.72 -12.61 16.09
C PRO B 417 -6.38 -13.29 15.81
N VAL B 418 -5.31 -12.77 16.41
CA VAL B 418 -4.01 -13.39 16.35
C VAL B 418 -3.70 -13.83 17.78
N ASP B 419 -3.99 -15.10 18.06
CA ASP B 419 -3.84 -15.68 19.40
C ASP B 419 -4.69 -14.89 20.40
N ARG B 420 -4.07 -14.03 21.22
CA ARG B 420 -4.82 -13.27 22.20
C ARG B 420 -4.96 -11.79 21.85
N ILE B 421 -4.59 -11.42 20.62
CA ILE B 421 -4.81 -10.06 20.12
C ILE B 421 -6.09 -10.02 19.32
N TYR B 422 -6.99 -9.12 19.71
CA TYR B 422 -8.23 -8.90 18.99
C TYR B 422 -8.16 -7.53 18.34
N PHE B 423 -8.90 -7.33 17.25
CA PHE B 423 -8.74 -6.13 16.43
C PHE B 423 -9.96 -5.25 16.39
N ALA B 424 -9.78 -4.01 16.85
CA ALA B 424 -10.81 -3.00 16.80
C ALA B 424 -10.39 -1.96 15.76
N GLY B 425 -10.83 -0.72 15.94
CA GLY B 425 -10.56 0.29 14.94
C GLY B 425 -11.68 0.34 13.91
N THR B 426 -12.01 1.55 13.47
CA THR B 426 -13.13 1.75 12.56
C THR B 426 -13.02 0.93 11.27
N GLU B 427 -11.79 0.64 10.85
CA GLU B 427 -11.56 -0.15 9.64
C GLU B 427 -12.13 -1.57 9.72
N THR B 428 -12.37 -2.06 10.93
CA THR B 428 -12.92 -3.40 11.12
C THR B 428 -14.44 -3.42 11.29
N ALA B 429 -15.07 -2.26 11.21
CA ALA B 429 -16.52 -2.18 11.35
C ALA B 429 -17.23 -2.68 10.09
N THR B 430 -18.52 -3.01 10.25
CA THR B 430 -19.35 -3.47 9.13
C THR B 430 -20.48 -2.48 8.79
N HIS B 431 -20.60 -1.44 9.59
CA HIS B 431 -21.58 -0.39 9.36
C HIS B 431 -20.92 0.94 9.72
N TRP B 432 -20.84 1.85 8.74
CA TRP B 432 -20.12 3.11 8.88
C TRP B 432 -18.65 2.92 9.26
N SER B 433 -18.05 1.85 8.77
CA SER B 433 -16.60 1.72 8.82
C SER B 433 -16.00 2.98 8.18
N GLY B 434 -14.94 3.51 8.80
CA GLY B 434 -14.36 4.75 8.35
C GLY B 434 -14.76 5.95 9.18
N TYR B 435 -15.87 5.81 9.92
CA TYR B 435 -16.48 6.88 10.70
C TYR B 435 -16.34 6.62 12.19
N MET B 436 -16.68 7.63 12.99
CA MET B 436 -16.72 7.48 14.44
C MET B 436 -17.69 6.37 14.85
N GLU B 437 -18.81 6.27 14.12
CA GLU B 437 -19.77 5.20 14.34
C GLU B 437 -19.11 3.81 14.24
N GLY B 438 -18.35 3.60 13.17
CA GLY B 438 -17.63 2.34 12.99
C GLY B 438 -16.63 2.08 14.09
N ALA B 439 -16.00 3.14 14.57
CA ALA B 439 -15.04 3.01 15.67
C ALA B 439 -15.73 2.41 16.90
N VAL B 440 -16.92 2.91 17.22
CA VAL B 440 -17.67 2.39 18.37
C VAL B 440 -18.07 0.93 18.14
N GLU B 441 -18.61 0.63 16.96
CA GLU B 441 -19.03 -0.73 16.63
C GLU B 441 -17.87 -1.70 16.82
N ALA B 442 -16.72 -1.35 16.29
CA ALA B 442 -15.56 -2.23 16.30
C ALA B 442 -14.96 -2.40 17.70
N GLY B 443 -14.90 -1.31 18.47
CA GLY B 443 -14.33 -1.35 19.80
C GLY B 443 -15.16 -2.24 20.70
N GLU B 444 -16.48 -2.06 20.63
CA GLU B 444 -17.37 -2.84 21.48
C GLU B 444 -17.43 -4.31 21.06
N ARG B 445 -17.35 -4.55 19.76
CA ARG B 445 -17.34 -5.92 19.22
C ARG B 445 -16.06 -6.65 19.64
N ALA B 446 -14.91 -5.99 19.52
CA ALA B 446 -13.64 -6.56 19.95
C ALA B 446 -13.65 -6.84 21.45
N ALA B 447 -14.19 -5.91 22.23
CA ALA B 447 -14.35 -6.11 23.67
C ALA B 447 -15.18 -7.36 23.98
N ARG B 448 -16.30 -7.52 23.29
CA ARG B 448 -17.17 -8.67 23.50
C ARG B 448 -16.54 -9.99 23.06
N GLU B 449 -15.69 -9.94 22.03
CA GLU B 449 -14.94 -11.13 21.62
C GLU B 449 -14.10 -11.65 22.79
N ILE B 450 -13.49 -10.72 23.53
CA ILE B 450 -12.69 -11.07 24.69
C ILE B 450 -13.57 -11.59 25.83
N LEU B 451 -14.71 -10.94 26.06
CA LEU B 451 -15.66 -11.41 27.07
C LEU B 451 -16.13 -12.84 26.76
N HIS B 452 -16.33 -13.14 25.48
CA HIS B 452 -16.67 -14.50 25.05
C HIS B 452 -15.51 -15.47 25.27
N ALA B 453 -14.30 -15.03 24.92
CA ALA B 453 -13.09 -15.84 25.14
C ALA B 453 -12.88 -16.19 26.62
N MET B 454 -13.33 -15.29 27.49
CA MET B 454 -13.26 -15.50 28.93
C MET B 454 -14.44 -16.31 29.47
N GLY B 455 -15.37 -16.66 28.58
CA GLY B 455 -16.55 -17.42 28.95
C GLY B 455 -17.61 -16.62 29.69
N LYS B 456 -17.53 -15.29 29.60
CA LYS B 456 -18.44 -14.39 30.31
C LYS B 456 -19.76 -14.14 29.57
N ILE B 457 -19.73 -14.24 28.25
CA ILE B 457 -20.93 -14.10 27.42
C ILE B 457 -20.97 -15.19 26.34
N PRO B 458 -22.16 -15.54 25.85
CA PRO B 458 -22.28 -16.50 24.76
C PRO B 458 -21.83 -15.92 23.41
N GLU B 459 -21.52 -16.81 22.46
CA GLU B 459 -21.09 -16.42 21.12
C GLU B 459 -22.11 -15.50 20.42
N ASP B 460 -23.38 -15.74 20.71
CA ASP B 460 -24.52 -14.97 20.18
C ASP B 460 -24.46 -13.49 20.49
N GLU B 461 -23.71 -13.12 21.53
CA GLU B 461 -23.70 -11.76 22.04
C GLU B 461 -22.48 -10.94 21.60
N ILE B 462 -21.60 -11.54 20.81
CA ILE B 462 -20.41 -10.83 20.30
C ILE B 462 -20.84 -9.65 19.42
N TRP B 463 -21.73 -9.92 18.47
CA TRP B 463 -22.27 -8.90 17.60
C TRP B 463 -23.62 -8.49 18.13
N GLN B 464 -23.76 -7.20 18.43
CA GLN B 464 -24.95 -6.68 19.07
C GLN B 464 -25.62 -5.60 18.23
N SER B 465 -26.93 -5.72 18.04
CA SER B 465 -27.71 -4.70 17.35
C SER B 465 -27.83 -3.46 18.23
N GLU B 466 -28.13 -2.32 17.61
CA GLU B 466 -28.25 -1.05 18.31
C GLU B 466 -29.62 -0.44 18.07
N PRO B 467 -30.33 -0.09 19.14
CA PRO B 467 -31.63 0.58 18.99
C PRO B 467 -31.47 1.94 18.34
N GLU B 468 -32.45 2.34 17.53
CA GLU B 468 -32.42 3.62 16.83
C GLU B 468 -32.45 4.77 17.83
N SER B 469 -31.63 5.79 17.57
CA SER B 469 -31.62 7.02 18.35
C SER B 469 -32.99 7.70 18.31
N VAL B 470 -33.47 8.14 19.46
CA VAL B 470 -34.73 8.89 19.54
C VAL B 470 -34.53 10.35 19.15
N ASP B 471 -33.31 10.85 19.35
CA ASP B 471 -32.95 12.23 19.06
C ASP B 471 -32.65 12.46 17.58
N VAL B 472 -32.12 11.43 16.93
CA VAL B 472 -31.72 11.52 15.52
C VAL B 472 -32.37 10.38 14.73
N PRO B 473 -33.67 10.49 14.46
CA PRO B 473 -34.39 9.44 13.74
C PRO B 473 -33.98 9.41 12.27
N ALA B 474 -34.01 8.22 11.68
CA ALA B 474 -33.68 8.04 10.28
C ALA B 474 -34.93 7.93 9.42
N GLN B 475 -35.02 8.78 8.39
CA GLN B 475 -36.04 8.62 7.36
C GLN B 475 -35.52 7.64 6.32
N PRO B 476 -36.39 6.80 5.77
CA PRO B 476 -35.96 5.82 4.77
C PRO B 476 -35.47 6.49 3.48
N ILE B 477 -34.56 5.84 2.78
CA ILE B 477 -34.08 6.32 1.49
C ILE B 477 -35.06 5.85 0.41
N THR B 478 -35.63 6.80 -0.33
CA THR B 478 -36.60 6.49 -1.37
C THR B 478 -36.08 6.88 -2.74
N THR B 479 -36.62 6.23 -3.78
CA THR B 479 -36.37 6.58 -5.17
C THR B 479 -37.69 6.82 -5.88
N THR B 480 -37.65 7.55 -6.99
CA THR B 480 -38.85 7.76 -7.80
C THR B 480 -38.93 6.66 -8.87
N PHE B 481 -40.14 6.45 -9.39
CA PHE B 481 -40.38 5.48 -10.46
C PHE B 481 -39.43 5.73 -11.64
N LEU B 482 -39.27 7.00 -12.01
CA LEU B 482 -38.41 7.38 -13.12
C LEU B 482 -36.93 7.11 -12.84
N GLU B 483 -36.48 7.40 -11.62
CA GLU B 483 -35.12 7.11 -11.21
C GLU B 483 -34.80 5.62 -11.34
N ARG B 484 -35.78 4.78 -11.00
CA ARG B 484 -35.62 3.32 -11.04
C ARG B 484 -35.59 2.78 -12.47
N HIS B 485 -36.40 3.35 -13.36
CA HIS B 485 -36.66 2.71 -14.65
C HIS B 485 -36.14 3.44 -15.90
N LEU B 486 -35.71 4.69 -15.74
CA LEU B 486 -35.11 5.41 -16.86
C LEU B 486 -33.87 4.68 -17.36
N PRO B 487 -33.71 4.60 -18.68
CA PRO B 487 -32.59 3.85 -19.27
C PRO B 487 -31.25 4.57 -19.08
N SER B 488 -30.17 3.79 -19.09
CA SER B 488 -28.83 4.34 -19.19
C SER B 488 -28.64 4.90 -20.60
N VAL B 489 -27.50 5.54 -20.84
CA VAL B 489 -27.18 6.01 -22.18
C VAL B 489 -27.08 4.85 -23.19
N PRO B 490 -26.28 3.81 -22.90
CA PRO B 490 -26.26 2.62 -23.76
C PRO B 490 -27.60 1.89 -23.84
N GLY B 491 -28.42 1.99 -22.79
CA GLY B 491 -29.76 1.43 -22.78
C GLY B 491 -30.69 2.14 -23.73
N LEU B 492 -30.58 3.46 -23.79
CA LEU B 492 -31.36 4.28 -24.70
C LEU B 492 -30.93 4.05 -26.15
N LEU B 493 -29.63 3.86 -26.35
CA LEU B 493 -29.06 3.57 -27.67
C LEU B 493 -29.47 2.19 -28.19
N ARG B 494 -29.63 1.24 -27.28
CA ARG B 494 -30.10 -0.11 -27.62
C ARG B 494 -31.59 -0.08 -27.97
N LEU B 495 -32.33 0.83 -27.35
CA LEU B 495 -33.75 1.05 -27.64
C LEU B 495 -33.93 1.72 -29.00
N ILE B 496 -32.96 2.55 -29.39
CA ILE B 496 -32.94 3.19 -30.70
C ILE B 496 -32.48 2.19 -31.76
PA FAD C . 17.33 -6.58 2.53
O1A FAD C . 15.87 -6.77 2.72
O2A FAD C . 18.04 -7.81 1.97
O5B FAD C . 18.03 -6.13 3.88
C5B FAD C . 17.36 -5.38 4.84
C4B FAD C . 17.88 -5.82 6.19
O4B FAD C . 17.35 -4.97 7.16
C3B FAD C . 17.42 -7.24 6.52
O3B FAD C . 18.57 -7.99 6.90
C2B FAD C . 16.45 -7.06 7.68
O2B FAD C . 16.51 -8.12 8.60
C1B FAD C . 16.93 -5.74 8.26
N9A FAD C . 15.88 -4.97 8.98
C8A FAD C . 14.55 -4.80 8.66
N7A FAD C . 13.99 -4.01 9.60
C5A FAD C . 14.93 -3.70 10.52
C6A FAD C . 14.92 -2.95 11.69
N6A FAD C . 13.84 -2.29 12.10
N1A FAD C . 16.09 -2.81 12.41
C2A FAD C . 17.25 -3.42 12.00
N3A FAD C . 17.28 -4.17 10.86
C4A FAD C . 16.13 -4.30 10.13
N1 FAD C . 17.82 -10.43 -6.50
C2 FAD C . 18.78 -10.79 -7.43
O2 FAD C . 19.72 -10.02 -7.67
N3 FAD C . 18.70 -11.99 -8.10
C4 FAD C . 17.65 -12.86 -7.84
O4 FAD C . 17.62 -13.92 -8.44
C4X FAD C . 16.66 -12.50 -6.93
N5 FAD C . 15.58 -13.34 -6.67
C5X FAD C . 14.86 -13.16 -5.50
C6 FAD C . 14.09 -14.22 -5.01
C7 FAD C . 13.58 -14.16 -3.72
C7M FAD C . 12.75 -15.33 -3.27
C8 FAD C . 13.85 -13.06 -2.90
C8M FAD C . 13.34 -12.94 -1.49
C9 FAD C . 14.63 -12.00 -3.40
C9A FAD C . 15.14 -12.05 -4.70
N10 FAD C . 15.82 -10.97 -5.28
C10 FAD C . 16.76 -11.28 -6.24
C1' FAD C . 15.91 -9.66 -4.54
C2' FAD C . 17.17 -9.48 -3.68
O2' FAD C . 17.27 -10.54 -2.74
C3' FAD C . 17.08 -8.11 -2.99
O3' FAD C . 16.97 -7.10 -3.96
C4' FAD C . 18.28 -7.75 -2.12
O4' FAD C . 18.67 -8.83 -1.31
C5' FAD C . 17.86 -6.59 -1.22
O5' FAD C . 18.95 -6.19 -0.42
P FAD C . 18.71 -4.96 0.57
O1P FAD C . 19.95 -4.81 1.39
O2P FAD C . 18.32 -3.71 -0.20
O3P FAD C . 17.47 -5.34 1.53
C13 RMA D . 14.76 -13.37 -7.65
C12 RMA D . 14.81 -13.19 -8.93
C11 RMA D . 13.79 -13.71 -9.95
N10 RMA D . 13.91 -13.48 -11.21
C10 RMA D . 14.92 -12.81 -11.66
C9 RMA D . 12.89 -14.02 -12.13
C1 RMA D . 13.36 -15.32 -12.79
C2 RMA D . 13.09 -15.21 -14.30
C3 RMA D . 12.74 -13.78 -14.49
C8 RMA D . 12.64 -13.11 -13.30
C7 RMA D . 12.31 -11.77 -13.26
C4 RMA D . 12.53 -13.13 -15.69
C5 RMA D . 12.22 -11.79 -15.67
C6 RMA D . 12.12 -11.12 -14.47
PA FAD E . -7.99 6.44 15.71
O1A FAD E . -6.98 6.57 14.64
O2A FAD E . -8.81 7.70 15.98
O5B FAD E . -7.32 5.97 17.09
C5B FAD E . -6.15 5.21 17.10
C4B FAD E . -5.32 5.66 18.30
O4B FAD E . -4.20 4.80 18.38
C3B FAD E . -4.79 7.07 18.14
O3B FAD E . -5.12 7.83 19.30
C2B FAD E . -3.29 6.89 17.98
O2B FAD E . -2.54 7.94 18.54
C1B FAD E . -3.06 5.57 18.69
N9A FAD E . -1.88 4.80 18.26
C8A FAD E . -1.40 4.60 16.99
N7A FAD E . -0.31 3.81 17.09
C5A FAD E . -0.10 3.51 18.38
C6A FAD E . 0.87 2.74 19.03
N6A FAD E . 1.82 2.12 18.35
N1A FAD E . 0.80 2.62 20.39
C2A FAD E . -0.20 3.24 21.12
N3A FAD E . -1.15 4.00 20.49
C4A FAD E . -1.09 4.11 19.13
N1 FAD E . -15.65 10.36 11.00
C2 FAD E . -16.95 10.72 11.27
O2 FAD E . -17.66 9.95 11.89
N3 FAD E . -17.43 11.93 10.82
C4 FAD E . -16.62 12.80 10.13
O4 FAD E . -17.06 13.88 9.76
C4X FAD E . -15.32 12.44 9.84
N5 FAD E . -14.49 13.28 9.11
C5X FAD E . -13.12 13.10 9.17
C6 FAD E . -12.27 14.15 8.82
C7 FAD E . -10.92 14.10 9.14
C7M FAD E . -10.04 15.25 8.73
C8 FAD E . -10.42 12.97 9.81
C8M FAD E . -8.97 12.85 10.19
C9 FAD E . -11.27 11.94 10.16
C9A FAD E . -12.63 11.98 9.85
N10 FAD E . -13.50 10.91 10.07
C10 FAD E . -14.82 11.22 10.30
C1' FAD E . -12.98 9.59 10.58
C2' FAD E . -13.00 9.42 12.11
O2' FAD E . -12.24 10.47 12.69
C3' FAD E . -12.38 8.05 12.42
O3' FAD E . -13.13 7.04 11.76
C4' FAD E . -12.31 7.67 13.89
O4' FAD E . -11.83 8.74 14.66
C5' FAD E . -11.38 6.48 14.02
O5' FAD E . -11.33 6.08 15.38
P FAD E . -10.39 4.84 15.75
O1P FAD E . -10.41 4.73 17.23
O2P FAD E . -10.82 3.59 15.01
O3P FAD E . -8.89 5.20 15.30
C13 RMA F . -14.81 13.31 7.85
C12 RMA F . -15.84 13.05 7.12
C11 RMA F . -16.12 13.63 5.72
N10 RMA F . -17.28 13.54 5.17
C10 RMA F . -18.26 12.96 5.80
C9 RMA F . -17.48 14.11 3.83
C1 RMA F . -18.37 15.36 3.87
C2 RMA F . -19.42 15.25 2.75
C3 RMA F . -19.30 13.83 2.33
C8 RMA F . -18.25 13.19 2.93
C7 RMA F . -17.97 11.87 2.66
C4 RMA F . -20.14 13.17 1.45
C5 RMA F . -19.89 11.84 1.18
C6 RMA F . -18.82 11.20 1.79
#